data_6TVK
#
_entry.id   6TVK
#
_cell.length_a   125.118
_cell.length_b   125.118
_cell.length_c   231.905
_cell.angle_alpha   90.000
_cell.angle_beta   90.000
_cell.angle_gamma   120.000
#
_symmetry.space_group_name_H-M   'P 64 2 2'
#
loop_
_entity.id
_entity.type
_entity.pdbx_description
1 polymer Alpha-L-fucosidase
2 non-polymer 'HEXATANTALUM DODECABROMIDE'
3 non-polymer 'ZINC ION'
4 non-polymer GLYCEROL
5 non-polymer 'SULFATE ION'
6 water water
#
_entity_poly.entity_id   1
_entity_poly.type   'polypeptide(L)'
_entity_poly.pdbx_seq_one_letter_code
;MGHHHHHHHHHHSSGHIEGRHGENLYFQGMRYRQVHLDFHTSEHISDIGRNFSKKNFQEMLQLGHVNSITVFAKCHHGWA
YFPSATNEIHPRLDFDLLGAQIEAAHEIGVKVPIYISVGFDEKLAWEKPQWLMRDEADRMNWVDSFMKPGYHQFCLNTPY
LDLVIEQVQEVVRKYDGDGIFLDIVGERTCYCTTCLKQMQADGLDPHNKEDVIANGRRIYANYTTRIREAIDAIKPGLPV
FHNAGHIHQGRRDLMGMNSHLELESLPTGGWGYDHFPLSARYAQPTGFHFLGMTGKFHTFWGEFGGYKHPNALRYETALS
LANGARCSIGDQLHPGGQMDRATYELIGKAYAEVEAKEAWCVNAVNLADVALLTVEAAGVQQESGAMYSGKVDMGAVRML
LEGKILFDIVDLESDWSGYKVLILPDSIVMKDTILPKVEAFLAAGGKVLASGRSGLNVELTRQMLPLGFTDSGLNPFRPD
YFRPL(CSO)DGMANLGEAAYVMYGDGRRIELTDGTELGRREDPYFNRQAFRFCSHQHAPSSEQEGGPGMVESAQGIYIA
WNVFEDYATKGSLILKEMVLFALRRLLGEQITLKTTLPAQGVTTLQHQAAERRYINHLLYASPVKRGERVEIIEDMIPLQ
QVEVQLQLPVTDVKRVYLAPQMTEIEFKASGGDVQFTVPQLECHQMVVVEYNE
;
_entity_poly.pdbx_strand_id   AAA
#
loop_
_chem_comp.id
_chem_comp.type
_chem_comp.name
_chem_comp.formula
GOL non-polymer GLYCEROL 'C3 H8 O3'
SO4 non-polymer 'SULFATE ION' 'O4 S -2'
TBR non-polymer 'HEXATANTALUM DODECABROMIDE' 'Br12 Ta6'
ZN non-polymer 'ZINC ION' 'Zn 2'
#
# COMPACT_ATOMS: atom_id res chain seq x y z
N MET A 30 -12.95 15.14 -0.55
CA MET A 30 -11.82 14.74 0.39
C MET A 30 -10.64 15.68 0.18
N ARG A 31 -10.22 16.37 1.22
CA ARG A 31 -9.12 17.36 1.14
C ARG A 31 -7.74 16.71 0.98
N TYR A 32 -6.85 17.38 0.24
CA TYR A 32 -5.56 16.85 -0.25
C TYR A 32 -4.46 17.06 0.79
N ARG A 33 -4.60 18.01 1.70
CA ARG A 33 -3.49 18.48 2.56
C ARG A 33 -3.79 18.26 4.05
N GLN A 34 -3.84 17.00 4.47
CA GLN A 34 -4.24 16.65 5.86
C GLN A 34 -3.02 16.47 6.77
N VAL A 35 -3.25 16.66 8.06
CA VAL A 35 -2.31 16.31 9.13
C VAL A 35 -3.07 15.39 10.08
N HIS A 36 -2.42 14.34 10.57
CA HIS A 36 -2.95 13.46 11.62
C HIS A 36 -2.23 13.89 12.89
N LEU A 37 -2.89 14.64 13.78
CA LEU A 37 -2.19 15.27 14.93
C LEU A 37 -2.26 14.36 16.17
N ASP A 38 -1.28 13.48 16.36
CA ASP A 38 -1.21 12.55 17.52
C ASP A 38 -1.16 13.36 18.83
N PHE A 39 -1.73 12.79 19.90
CA PHE A 39 -1.75 13.38 21.26
C PHE A 39 -1.83 12.29 22.34
N HIS A 40 -1.11 11.20 22.18
CA HIS A 40 -0.91 10.18 23.23
C HIS A 40 -0.06 10.82 24.34
N THR A 41 -0.72 11.13 25.46
CA THR A 41 -0.16 12.00 26.52
C THR A 41 -0.34 11.31 27.86
N SER A 42 0.77 10.99 28.52
CA SER A 42 0.84 10.44 29.90
C SER A 42 0.12 11.32 30.92
N GLU A 43 -0.63 10.68 31.82
CA GLU A 43 -1.21 11.30 33.03
C GLU A 43 -0.11 11.96 33.87
N HIS A 44 1.15 11.53 33.73
CA HIS A 44 2.27 12.02 34.58
C HIS A 44 2.91 13.26 33.95
N ILE A 45 2.37 13.82 32.87
CA ILE A 45 2.79 15.18 32.40
C ILE A 45 1.72 16.20 32.78
N SER A 46 2.16 17.35 33.32
CA SER A 46 1.35 18.47 33.85
C SER A 46 1.08 19.57 32.82
N ASP A 47 0.14 20.47 33.12
CA ASP A 47 -0.10 21.72 32.36
C ASP A 47 -0.44 21.39 30.90
N ILE A 48 -1.23 20.35 30.67
CA ILE A 48 -1.65 19.98 29.30
C ILE A 48 -2.34 21.19 28.69
N GLY A 49 -1.90 21.60 27.50
CA GLY A 49 -2.58 22.64 26.71
C GLY A 49 -2.30 24.04 27.22
N ARG A 50 -1.51 24.21 28.28
CA ARG A 50 -1.25 25.55 28.89
C ARG A 50 -0.67 26.51 27.85
N ASN A 51 0.09 26.05 26.88
CA ASN A 51 0.69 26.90 25.82
C ASN A 51 -0.10 26.79 24.53
N PHE A 52 -1.32 26.25 24.54
CA PHE A 52 -2.20 26.25 23.35
C PHE A 52 -2.69 27.68 23.12
N SER A 53 -2.89 28.09 21.89
CA SER A 53 -3.62 29.33 21.56
C SER A 53 -4.27 29.20 20.18
N LYS A 54 -5.44 29.76 20.01
CA LYS A 54 -6.09 29.87 18.68
C LYS A 54 -5.09 30.46 17.70
N LYS A 55 -4.38 31.51 18.09
CA LYS A 55 -3.41 32.20 17.18
C LYS A 55 -2.30 31.23 16.74
N ASN A 56 -1.64 30.57 17.67
CA ASN A 56 -0.53 29.63 17.35
C ASN A 56 -1.09 28.50 16.46
N PHE A 57 -2.22 27.88 16.81
CA PHE A 57 -2.78 26.73 16.06
C PHE A 57 -3.05 27.17 14.60
N GLN A 58 -3.56 28.37 14.40
CA GLN A 58 -3.95 28.88 13.06
C GLN A 58 -2.71 29.24 12.25
N GLU A 59 -1.71 29.88 12.89
CA GLU A 59 -0.46 30.31 12.22
C GLU A 59 0.25 29.08 11.67
N MET A 60 0.36 28.03 12.47
CA MET A 60 1.10 26.81 12.08
C MET A 60 0.31 26.04 11.00
N LEU A 61 -1.02 25.99 11.05
CA LEU A 61 -1.82 25.36 9.96
C LEU A 61 -1.56 26.09 8.65
N GLN A 62 -1.43 27.41 8.73
CA GLN A 62 -1.21 28.29 7.54
C GLN A 62 0.22 28.12 7.04
N LEU A 63 1.20 28.12 7.94
CA LEU A 63 2.61 27.82 7.59
C LEU A 63 2.67 26.47 6.86
N GLY A 64 1.88 25.49 7.27
CA GLY A 64 1.89 24.12 6.70
C GLY A 64 1.01 23.94 5.48
N HIS A 65 0.22 24.96 5.11
CA HIS A 65 -0.77 24.87 4.00
C HIS A 65 -1.69 23.68 4.27
N VAL A 66 -2.15 23.55 5.51
CA VAL A 66 -2.98 22.40 5.96
C VAL A 66 -4.45 22.79 5.78
N ASN A 67 -5.25 21.92 5.18
CA ASN A 67 -6.68 22.20 4.94
C ASN A 67 -7.54 21.16 5.69
N SER A 68 -6.94 20.23 6.43
CA SER A 68 -7.66 19.29 7.36
C SER A 68 -6.71 18.79 8.46
N ILE A 69 -7.15 18.70 9.70
CA ILE A 69 -6.25 18.18 10.76
C ILE A 69 -7.09 17.29 11.66
N THR A 70 -6.76 16.01 11.72
CA THR A 70 -7.44 15.07 12.62
C THR A 70 -6.90 15.33 14.02
N VAL A 71 -7.76 15.75 14.95
CA VAL A 71 -7.37 16.04 16.37
C VAL A 71 -8.02 15.03 17.32
N PHE A 72 -7.50 14.93 18.54
CA PHE A 72 -7.79 13.81 19.47
C PHE A 72 -8.96 14.15 20.38
N ALA A 73 -9.88 13.20 20.50
CA ALA A 73 -10.90 13.19 21.57
C ALA A 73 -10.45 12.24 22.66
N LYS A 74 -9.78 11.15 22.28
CA LYS A 74 -9.36 10.04 23.19
C LYS A 74 -8.08 9.37 22.66
N CYS A 75 -7.02 9.33 23.49
CA CYS A 75 -5.69 8.79 23.10
C CYS A 75 -5.48 7.37 23.62
N HIS A 76 -4.35 6.76 23.27
CA HIS A 76 -3.97 5.40 23.71
C HIS A 76 -3.94 5.30 25.24
N HIS A 77 -3.58 6.37 25.92
CA HIS A 77 -3.50 6.37 27.41
C HIS A 77 -4.91 6.37 28.00
N GLY A 78 -5.90 6.72 27.18
CA GLY A 78 -7.34 6.54 27.43
C GLY A 78 -8.06 7.81 27.84
N TRP A 79 -7.34 8.92 27.94
CA TRP A 79 -7.89 10.20 28.44
C TRP A 79 -8.68 10.87 27.33
N ALA A 80 -9.73 11.60 27.70
CA ALA A 80 -10.45 12.55 26.83
C ALA A 80 -9.73 13.89 26.90
N TYR A 81 -9.83 14.70 25.84
CA TYR A 81 -9.25 16.06 25.72
C TYR A 81 -10.41 17.07 25.65
N PHE A 82 -11.51 16.72 26.31
CA PHE A 82 -12.75 17.52 26.47
C PHE A 82 -13.42 17.10 27.78
N PRO A 83 -14.25 17.96 28.40
CA PRO A 83 -14.86 17.63 29.69
C PRO A 83 -15.96 16.56 29.52
N SER A 84 -15.55 15.31 29.44
CA SER A 84 -16.38 14.16 29.01
C SER A 84 -17.19 13.62 30.19
N ALA A 85 -18.41 13.14 29.94
CA ALA A 85 -19.28 12.45 30.91
C ALA A 85 -19.14 10.93 30.75
N THR A 86 -18.67 10.41 29.64
CA THR A 86 -18.58 8.93 29.48
C THR A 86 -17.14 8.45 29.62
N ASN A 87 -16.18 9.37 29.67
CA ASN A 87 -14.72 9.09 29.84
C ASN A 87 -14.15 10.15 30.78
N GLU A 88 -12.95 9.95 31.32
CA GLU A 88 -12.30 10.95 32.20
C GLU A 88 -11.38 11.84 31.36
N ILE A 89 -11.54 13.15 31.50
CA ILE A 89 -10.58 14.13 30.91
C ILE A 89 -9.18 13.81 31.45
N HIS A 90 -8.13 14.07 30.66
CA HIS A 90 -6.73 14.03 31.14
C HIS A 90 -6.68 14.77 32.48
N PRO A 91 -6.20 14.15 33.56
CA PRO A 91 -6.23 14.79 34.87
C PRO A 91 -5.38 16.07 35.00
N ARG A 92 -4.65 16.48 33.99
CA ARG A 92 -3.81 17.70 34.08
C ARG A 92 -4.24 18.67 32.99
N LEU A 93 -5.42 18.48 32.42
CA LEU A 93 -6.06 19.39 31.42
C LEU A 93 -7.22 20.12 32.09
N ASP A 94 -7.26 21.45 31.98
CA ASP A 94 -8.19 22.35 32.71
C ASP A 94 -9.27 22.95 31.80
N PHE A 95 -9.26 22.67 30.50
CA PHE A 95 -10.17 23.35 29.54
C PHE A 95 -10.42 22.40 28.36
N ASP A 96 -11.41 22.74 27.57
CA ASP A 96 -11.89 21.89 26.45
C ASP A 96 -10.95 22.06 25.25
N LEU A 97 -9.88 21.26 25.20
CA LEU A 97 -8.83 21.40 24.16
C LEU A 97 -9.42 21.01 22.80
N LEU A 98 -10.17 19.91 22.75
CA LEU A 98 -10.82 19.43 21.51
C LEU A 98 -11.71 20.52 20.90
N GLY A 99 -12.63 21.07 21.70
CA GLY A 99 -13.47 22.24 21.36
C GLY A 99 -12.66 23.43 20.84
N ALA A 100 -11.61 23.84 21.54
CA ALA A 100 -10.75 24.97 21.14
C ALA A 100 -10.10 24.68 19.79
N GLN A 101 -9.68 23.44 19.52
CA GLN A 101 -8.98 23.10 18.25
C GLN A 101 -9.98 23.14 17.08
N ILE A 102 -11.18 22.59 17.24
CA ILE A 102 -12.22 22.57 16.19
C ILE A 102 -12.57 24.02 15.84
N GLU A 103 -12.77 24.85 16.86
CA GLU A 103 -13.14 26.27 16.64
C GLU A 103 -12.01 26.96 15.88
N ALA A 104 -10.76 26.85 16.34
CA ALA A 104 -9.59 27.57 15.76
C ALA A 104 -9.42 27.19 14.30
N ALA A 105 -9.56 25.91 13.97
CA ALA A 105 -9.40 25.41 12.58
C ALA A 105 -10.59 25.83 11.72
N HIS A 106 -11.81 25.69 12.23
CA HIS A 106 -13.05 25.95 11.44
C HIS A 106 -13.06 27.44 11.08
N GLU A 107 -12.57 28.29 11.98
CA GLU A 107 -12.57 29.75 11.75
C GLU A 107 -11.60 30.16 10.63
N ILE A 108 -10.74 29.27 10.10
CA ILE A 108 -9.84 29.59 8.94
C ILE A 108 -10.09 28.57 7.83
N GLY A 109 -11.25 27.91 7.85
CA GLY A 109 -11.69 27.01 6.76
C GLY A 109 -10.97 25.66 6.76
N VAL A 110 -10.44 25.22 7.91
CA VAL A 110 -9.75 23.90 8.03
C VAL A 110 -10.73 22.89 8.66
N LYS A 111 -10.98 21.78 7.96
CA LYS A 111 -11.79 20.64 8.48
C LYS A 111 -11.04 19.90 9.58
N VAL A 112 -11.77 19.26 10.47
CA VAL A 112 -11.21 18.64 11.71
C VAL A 112 -11.90 17.31 11.95
N PRO A 113 -11.46 16.19 11.33
CA PRO A 113 -11.92 14.88 11.75
C PRO A 113 -11.42 14.67 13.19
N ILE A 114 -12.06 13.77 13.92
CA ILE A 114 -11.78 13.53 15.37
C ILE A 114 -11.33 12.09 15.54
N TYR A 115 -10.26 11.90 16.30
CA TYR A 115 -9.59 10.59 16.57
C TYR A 115 -10.09 10.02 17.90
N ILE A 116 -10.43 8.74 17.89
CA ILE A 116 -10.77 7.97 19.11
C ILE A 116 -9.96 6.68 19.08
N SER A 117 -9.13 6.48 20.10
CA SER A 117 -8.43 5.20 20.32
C SER A 117 -9.48 4.19 20.72
N VAL A 118 -9.58 3.05 20.04
CA VAL A 118 -10.55 1.99 20.41
C VAL A 118 -9.77 0.86 21.09
N GLY A 119 -8.82 0.27 20.37
CA GLY A 119 -8.05 -0.89 20.85
C GLY A 119 -7.30 -0.55 22.14
N PHE A 120 -6.85 0.68 22.30
CA PHE A 120 -6.10 1.08 23.53
C PHE A 120 -6.87 2.12 24.34
N ASP A 121 -6.93 1.85 25.65
CA ASP A 121 -7.40 2.73 26.73
C ASP A 121 -6.61 2.34 28.00
N GLU A 122 -5.37 2.79 28.12
CA GLU A 122 -4.41 2.23 29.10
C GLU A 122 -4.89 2.50 30.53
N LYS A 123 -5.48 3.65 30.83
CA LYS A 123 -5.97 3.92 32.21
C LYS A 123 -7.15 2.99 32.54
N LEU A 124 -7.96 2.58 31.57
CA LEU A 124 -9.01 1.54 31.80
C LEU A 124 -8.38 0.16 31.87
N ALA A 125 -7.31 -0.11 31.12
CA ALA A 125 -6.61 -1.42 31.13
C ALA A 125 -6.27 -1.79 32.57
N TRP A 126 -5.85 -0.80 33.36
CA TRP A 126 -5.44 -0.99 34.79
C TRP A 126 -6.63 -1.35 35.68
N GLU A 127 -7.85 -0.94 35.29
CA GLU A 127 -9.07 -1.19 36.10
CA GLU A 127 -9.10 -1.16 36.08
C GLU A 127 -9.79 -2.44 35.61
N LYS A 128 -9.69 -2.77 34.31
CA LYS A 128 -10.51 -3.85 33.68
C LYS A 128 -9.64 -4.78 32.86
N PRO A 129 -8.58 -5.34 33.44
CA PRO A 129 -7.73 -6.28 32.73
C PRO A 129 -8.49 -7.51 32.22
N GLN A 130 -9.66 -7.82 32.77
CA GLN A 130 -10.49 -8.97 32.32
C GLN A 130 -11.01 -8.74 30.91
N TRP A 131 -10.94 -7.53 30.37
CA TRP A 131 -11.48 -7.19 29.03
C TRP A 131 -10.36 -7.14 27.99
N LEU A 132 -9.14 -7.47 28.38
CA LEU A 132 -7.96 -7.39 27.48
C LEU A 132 -7.88 -8.67 26.67
N MET A 133 -7.36 -8.54 25.46
CA MET A 133 -7.04 -9.68 24.58
C MET A 133 -6.03 -10.61 25.26
N ARG A 134 -6.16 -11.89 24.97
CA ARG A 134 -5.24 -12.97 25.39
C ARG A 134 -4.97 -13.86 24.17
N ASP A 135 -3.72 -14.26 23.98
CA ASP A 135 -3.38 -15.35 23.04
C ASP A 135 -3.53 -16.68 23.77
N GLU A 136 -3.24 -17.77 23.06
CA GLU A 136 -3.36 -19.18 23.51
CA GLU A 136 -3.43 -19.16 23.55
C GLU A 136 -2.61 -19.40 24.82
N ALA A 137 -1.52 -18.64 25.03
CA ALA A 137 -0.61 -18.77 26.20
C ALA A 137 -0.85 -17.64 27.22
N ASP A 138 -1.98 -16.93 27.12
CA ASP A 138 -2.49 -15.96 28.12
C ASP A 138 -1.76 -14.63 27.99
N ARG A 139 -1.07 -14.38 26.89
CA ARG A 139 -0.24 -13.17 26.71
C ARG A 139 -1.11 -12.01 26.19
N MET A 140 -0.91 -10.84 26.79
CA MET A 140 -1.46 -9.56 26.31
C MET A 140 -0.62 -9.10 25.13
N ASN A 141 -1.15 -8.17 24.33
CA ASN A 141 -0.43 -7.48 23.22
C ASN A 141 -0.81 -6.02 23.42
N TRP A 142 -0.01 -5.05 22.96
CA TRP A 142 1.27 -5.23 22.28
C TRP A 142 2.38 -5.65 23.25
N VAL A 143 2.23 -5.39 24.53
CA VAL A 143 3.28 -5.62 25.54
C VAL A 143 2.74 -6.68 26.50
N ASP A 144 3.54 -7.66 26.91
CA ASP A 144 3.00 -8.87 27.60
C ASP A 144 3.08 -8.75 29.13
N SER A 145 3.26 -7.56 29.68
CA SER A 145 2.98 -7.37 31.12
C SER A 145 2.77 -5.88 31.44
N PHE A 146 2.31 -5.61 32.64
CA PHE A 146 2.16 -4.24 33.18
C PHE A 146 3.47 -3.74 33.80
N MET A 147 4.48 -4.58 33.90
CA MET A 147 5.80 -4.23 34.52
C MET A 147 6.75 -3.72 33.43
N LYS A 148 6.26 -3.51 32.22
CA LYS A 148 7.01 -2.96 31.06
C LYS A 148 6.19 -1.82 30.49
N PRO A 149 6.82 -0.80 29.88
CA PRO A 149 6.07 0.27 29.26
C PRO A 149 5.37 -0.22 27.97
N GLY A 150 4.27 0.41 27.64
CA GLY A 150 3.49 0.17 26.39
C GLY A 150 2.03 -0.14 26.69
N TYR A 151 1.29 -0.38 25.62
CA TYR A 151 -0.18 -0.46 25.62
C TYR A 151 -0.69 -1.90 25.56
N HIS A 152 -1.87 -2.11 26.16
CA HIS A 152 -2.55 -3.41 26.30
C HIS A 152 -3.91 -3.35 25.58
N GLN A 153 -4.10 -4.19 24.56
CA GLN A 153 -5.27 -4.14 23.63
C GLN A 153 -6.49 -4.81 24.27
N PHE A 154 -7.62 -4.12 24.20
CA PHE A 154 -8.93 -4.61 24.68
C PHE A 154 -9.53 -5.54 23.62
N CYS A 155 -10.29 -6.53 24.07
CA CYS A 155 -11.11 -7.42 23.21
C CYS A 155 -12.50 -6.81 23.00
N LEU A 156 -12.90 -6.60 21.75
CA LEU A 156 -14.24 -6.03 21.43
C LEU A 156 -15.36 -7.09 21.52
N ASN A 157 -15.10 -8.31 21.98
CA ASN A 157 -16.14 -9.32 22.27
C ASN A 157 -16.58 -9.17 23.73
N THR A 158 -16.14 -8.12 24.43
CA THR A 158 -16.45 -7.91 25.87
C THR A 158 -17.31 -6.67 26.04
N PRO A 159 -17.84 -6.40 27.25
CA PRO A 159 -18.63 -5.20 27.48
C PRO A 159 -17.85 -3.90 27.28
N TYR A 160 -16.53 -3.95 27.08
CA TYR A 160 -15.74 -2.78 26.64
C TYR A 160 -16.37 -2.19 25.38
N LEU A 161 -16.95 -3.02 24.49
CA LEU A 161 -17.59 -2.53 23.22
C LEU A 161 -18.69 -1.51 23.55
N ASP A 162 -19.48 -1.77 24.60
CA ASP A 162 -20.63 -0.89 24.98
C ASP A 162 -20.11 0.46 25.43
N LEU A 163 -18.97 0.46 26.14
CA LEU A 163 -18.32 1.71 26.65
C LEU A 163 -17.77 2.50 25.46
N VAL A 164 -17.23 1.82 24.45
CA VAL A 164 -16.70 2.47 23.23
C VAL A 164 -17.85 3.16 22.51
N ILE A 165 -18.95 2.46 22.30
CA ILE A 165 -20.13 3.05 21.59
C ILE A 165 -20.59 4.29 22.37
N GLU A 166 -20.80 4.20 23.68
CA GLU A 166 -21.18 5.38 24.48
C GLU A 166 -20.21 6.54 24.22
N GLN A 167 -18.91 6.28 24.22
CA GLN A 167 -17.92 7.37 24.15
C GLN A 167 -17.95 7.97 22.75
N VAL A 168 -18.16 7.13 21.73
CA VAL A 168 -18.24 7.57 20.31
C VAL A 168 -19.50 8.43 20.17
N GLN A 169 -20.60 7.96 20.76
CA GLN A 169 -21.89 8.69 20.71
C GLN A 169 -21.71 10.08 21.32
N GLU A 170 -21.08 10.18 22.49
CA GLU A 170 -20.88 11.48 23.19
C GLU A 170 -20.12 12.43 22.27
N VAL A 171 -19.00 12.01 21.70
CA VAL A 171 -18.17 12.88 20.82
C VAL A 171 -18.99 13.30 19.60
N VAL A 172 -19.74 12.38 19.00
CA VAL A 172 -20.52 12.72 17.77
C VAL A 172 -21.63 13.72 18.12
N ARG A 173 -22.28 13.59 19.28
CA ARG A 173 -23.35 14.53 19.70
C ARG A 173 -22.75 15.90 19.96
N LYS A 174 -21.65 15.98 20.69
CA LYS A 174 -21.28 17.25 21.37
C LYS A 174 -20.38 18.11 20.51
N TYR A 175 -19.72 17.56 19.47
CA TYR A 175 -18.64 18.29 18.75
C TYR A 175 -18.96 18.29 17.26
N ASP A 176 -18.66 19.42 16.65
CA ASP A 176 -18.94 19.72 15.21
C ASP A 176 -17.76 19.20 14.39
N GLY A 177 -17.36 17.94 14.57
CA GLY A 177 -16.24 17.35 13.81
C GLY A 177 -16.61 17.00 12.39
N ASP A 178 -15.61 16.73 11.55
CA ASP A 178 -15.77 16.43 10.11
C ASP A 178 -15.50 14.94 9.88
N GLY A 179 -15.78 14.08 10.84
CA GLY A 179 -15.55 12.63 10.70
C GLY A 179 -14.91 12.03 11.95
N ILE A 180 -14.83 10.71 11.97
CA ILE A 180 -14.29 9.91 13.10
C ILE A 180 -13.24 8.95 12.51
N PHE A 181 -12.08 8.93 13.15
CA PHE A 181 -10.95 8.01 12.89
C PHE A 181 -10.89 7.09 14.11
N LEU A 182 -11.14 5.81 13.92
CA LEU A 182 -11.14 4.82 15.03
C LEU A 182 -9.87 3.96 14.92
N ASP A 183 -9.05 3.94 15.97
CA ASP A 183 -7.68 3.38 15.90
C ASP A 183 -7.56 2.06 16.68
N ILE A 184 -6.61 1.24 16.25
CA ILE A 184 -6.24 -0.06 16.85
C ILE A 184 -7.47 -0.94 16.78
N VAL A 185 -7.89 -1.25 15.56
CA VAL A 185 -9.01 -2.18 15.27
C VAL A 185 -8.68 -3.07 14.08
N GLY A 186 -9.32 -4.22 14.00
CA GLY A 186 -9.21 -5.18 12.89
C GLY A 186 -9.63 -6.54 13.37
N GLU A 187 -9.63 -7.53 12.48
CA GLU A 187 -9.92 -8.94 12.81
C GLU A 187 -8.77 -9.52 13.62
N ARG A 188 -9.08 -10.04 14.80
CA ARG A 188 -8.12 -10.58 15.77
C ARG A 188 -8.38 -12.07 15.94
N THR A 189 -7.48 -12.74 16.66
CA THR A 189 -7.72 -14.08 17.25
C THR A 189 -7.52 -13.92 18.76
N CYS A 190 -8.54 -14.21 19.55
CA CYS A 190 -8.54 -13.87 20.99
C CYS A 190 -8.97 -15.09 21.79
N TYR A 191 -8.24 -15.35 22.87
CA TYR A 191 -8.43 -16.53 23.77
C TYR A 191 -8.66 -16.03 25.21
N CYS A 192 -9.18 -14.81 25.40
CA CYS A 192 -9.62 -14.23 26.70
C CYS A 192 -10.75 -15.10 27.29
N THR A 193 -11.05 -14.95 28.58
CA THR A 193 -12.08 -15.77 29.28
C THR A 193 -13.44 -15.65 28.58
N THR A 194 -13.83 -14.44 28.17
CA THR A 194 -15.14 -14.19 27.54
C THR A 194 -15.24 -14.96 26.24
N CYS A 195 -14.20 -14.86 25.41
CA CYS A 195 -14.12 -15.52 24.08
C CYS A 195 -14.16 -17.04 24.24
N LEU A 196 -13.38 -17.61 25.16
CA LEU A 196 -13.31 -19.07 25.36
C LEU A 196 -14.69 -19.59 25.80
N LYS A 197 -15.40 -18.88 26.69
CA LYS A 197 -16.74 -19.32 27.17
C LYS A 197 -17.74 -19.26 26.01
N GLN A 198 -17.71 -18.16 25.26
CA GLN A 198 -18.67 -17.85 24.16
C GLN A 198 -18.47 -18.88 23.05
N MET A 199 -17.22 -19.18 22.70
CA MET A 199 -16.89 -20.17 21.65
C MET A 199 -17.44 -21.54 22.05
N GLN A 200 -17.29 -21.93 23.32
CA GLN A 200 -17.72 -23.25 23.84
C GLN A 200 -19.26 -23.34 23.81
N ALA A 201 -19.94 -22.24 24.12
CA ALA A 201 -21.42 -22.15 24.18
C ALA A 201 -21.99 -22.16 22.77
N ASP A 202 -21.25 -21.71 21.76
CA ASP A 202 -21.69 -21.65 20.34
C ASP A 202 -21.23 -22.91 19.62
N GLY A 203 -20.67 -23.88 20.34
CA GLY A 203 -20.17 -25.16 19.77
C GLY A 203 -18.91 -25.02 18.94
N LEU A 204 -18.18 -23.91 19.04
CA LEU A 204 -16.86 -23.72 18.39
C LEU A 204 -15.77 -24.34 19.28
N ASP A 205 -14.65 -24.67 18.69
CA ASP A 205 -13.51 -25.36 19.32
C ASP A 205 -12.35 -24.37 19.44
N PRO A 206 -12.03 -23.85 20.65
CA PRO A 206 -10.90 -22.91 20.81
C PRO A 206 -9.54 -23.48 20.40
N HIS A 207 -9.39 -24.81 20.38
CA HIS A 207 -8.13 -25.47 19.94
C HIS A 207 -8.07 -25.54 18.42
N ASN A 208 -9.15 -25.22 17.72
CA ASN A 208 -9.16 -25.15 16.23
C ASN A 208 -8.87 -23.70 15.80
N LYS A 209 -7.72 -23.44 15.22
CA LYS A 209 -7.34 -22.06 14.83
C LYS A 209 -8.42 -21.45 13.91
N GLU A 210 -8.95 -22.19 12.94
CA GLU A 210 -9.96 -21.70 11.95
CA GLU A 210 -9.89 -21.57 11.97
C GLU A 210 -11.17 -21.14 12.71
N ASP A 211 -11.63 -21.90 13.70
CA ASP A 211 -12.81 -21.50 14.52
C ASP A 211 -12.56 -20.14 15.18
N VAL A 212 -11.37 -19.95 15.76
CA VAL A 212 -11.04 -18.69 16.50
C VAL A 212 -10.92 -17.55 15.47
N ILE A 213 -10.30 -17.77 14.30
CA ILE A 213 -10.19 -16.74 13.23
C ILE A 213 -11.60 -16.29 12.80
N ALA A 214 -12.52 -17.23 12.58
CA ALA A 214 -13.91 -16.96 12.14
C ALA A 214 -14.66 -16.22 13.23
N ASN A 215 -14.51 -16.65 14.49
CA ASN A 215 -15.08 -15.91 15.65
C ASN A 215 -14.63 -14.45 15.57
N GLY A 216 -13.37 -14.20 15.31
CA GLY A 216 -12.81 -12.82 15.32
C GLY A 216 -13.35 -11.98 14.17
N ARG A 217 -13.71 -12.63 13.06
CA ARG A 217 -14.33 -11.96 11.88
C ARG A 217 -15.70 -11.46 12.29
N ARG A 218 -16.44 -12.27 13.03
CA ARG A 218 -17.79 -11.90 13.52
C ARG A 218 -17.64 -10.79 14.55
N ILE A 219 -16.69 -10.93 15.48
CA ILE A 219 -16.46 -9.92 16.56
C ILE A 219 -16.16 -8.56 15.94
N TYR A 220 -15.34 -8.51 14.90
CA TYR A 220 -14.93 -7.22 14.28
C TYR A 220 -16.13 -6.61 13.53
N ALA A 221 -16.89 -7.43 12.78
CA ALA A 221 -18.04 -6.99 11.95
C ALA A 221 -19.13 -6.47 12.88
N ASN A 222 -19.33 -7.15 13.99
CA ASN A 222 -20.28 -6.72 15.05
C ASN A 222 -19.88 -5.32 15.54
N TYR A 223 -18.58 -5.06 15.77
CA TYR A 223 -18.08 -3.72 16.22
C TYR A 223 -18.38 -2.66 15.15
N THR A 224 -18.04 -2.89 13.88
CA THR A 224 -18.18 -1.82 12.85
C THR A 224 -19.67 -1.57 12.55
N THR A 225 -20.51 -2.61 12.58
CA THR A 225 -22.00 -2.51 12.43
C THR A 225 -22.55 -1.65 13.58
N ARG A 226 -22.19 -1.94 14.84
CA ARG A 226 -22.67 -1.11 15.98
C ARG A 226 -22.17 0.32 15.87
N ILE A 227 -20.95 0.58 15.40
CA ILE A 227 -20.47 1.99 15.25
C ILE A 227 -21.32 2.72 14.20
N ARG A 228 -21.57 2.11 13.03
CA ARG A 228 -22.31 2.77 11.90
C ARG A 228 -23.73 3.08 12.39
N GLU A 229 -24.38 2.13 13.08
CA GLU A 229 -25.78 2.35 13.58
C GLU A 229 -25.79 3.45 14.64
N ALA A 230 -24.88 3.46 15.62
CA ALA A 230 -24.83 4.52 16.67
C ALA A 230 -24.65 5.90 16.02
N ILE A 231 -23.74 6.01 15.07
CA ILE A 231 -23.41 7.32 14.45
C ILE A 231 -24.60 7.70 13.55
N ASP A 232 -25.19 6.77 12.80
CA ASP A 232 -26.27 7.14 11.84
C ASP A 232 -27.52 7.60 12.59
N ALA A 233 -27.70 7.15 13.84
CA ALA A 233 -28.79 7.63 14.73
C ALA A 233 -28.52 9.05 15.23
N ILE A 234 -27.42 9.70 14.83
CA ILE A 234 -27.10 11.06 15.36
C ILE A 234 -26.77 11.98 14.20
N LYS A 235 -25.74 11.65 13.44
CA LYS A 235 -25.33 12.41 12.24
C LYS A 235 -25.16 11.43 11.09
N PRO A 236 -26.26 11.07 10.39
CA PRO A 236 -26.19 10.20 9.21
C PRO A 236 -25.10 10.60 8.21
N GLY A 237 -24.34 9.60 7.74
CA GLY A 237 -23.24 9.76 6.75
C GLY A 237 -22.04 10.56 7.27
N LEU A 238 -21.86 10.70 8.59
CA LEU A 238 -20.59 11.22 9.13
C LEU A 238 -19.47 10.28 8.68
N PRO A 239 -18.39 10.78 8.06
CA PRO A 239 -17.29 9.89 7.65
C PRO A 239 -16.70 9.09 8.82
N VAL A 240 -16.44 7.80 8.58
CA VAL A 240 -15.78 6.89 9.54
C VAL A 240 -14.68 6.11 8.84
N PHE A 241 -13.51 6.04 9.46
CA PHE A 241 -12.38 5.17 9.05
C PHE A 241 -11.94 4.34 10.24
N HIS A 242 -11.86 3.04 10.03
CA HIS A 242 -11.42 2.01 11.01
C HIS A 242 -10.00 1.62 10.63
N ASN A 243 -9.00 2.01 11.45
CA ASN A 243 -7.56 1.82 11.13
C ASN A 243 -7.02 0.49 11.67
N ALA A 244 -6.69 -0.44 10.78
CA ALA A 244 -5.88 -1.67 11.01
C ALA A 244 -4.40 -1.50 10.66
N GLY A 245 -3.98 -0.37 10.11
CA GLY A 245 -2.58 -0.15 9.66
C GLY A 245 -2.33 -0.70 8.25
N HIS A 246 -3.29 -1.42 7.67
CA HIS A 246 -3.14 -2.03 6.32
C HIS A 246 -4.53 -2.28 5.72
N ILE A 247 -4.68 -2.03 4.40
CA ILE A 247 -5.89 -2.44 3.63
C ILE A 247 -5.68 -3.85 3.10
N HIS A 248 -6.29 -4.86 3.73
CA HIS A 248 -6.15 -6.29 3.36
C HIS A 248 -6.74 -6.53 1.96
N GLN A 249 -5.95 -7.05 1.02
CA GLN A 249 -6.34 -7.11 -0.42
C GLN A 249 -7.25 -8.32 -0.60
N GLY A 250 -8.33 -8.15 -1.38
CA GLY A 250 -9.31 -9.22 -1.61
C GLY A 250 -10.38 -9.25 -0.56
N ARG A 251 -10.48 -8.24 0.30
CA ARG A 251 -11.52 -8.23 1.37
C ARG A 251 -12.38 -6.97 1.20
N ARG A 252 -13.30 -6.99 0.24
CA ARG A 252 -14.29 -5.91 -0.03
C ARG A 252 -15.18 -5.67 1.19
N ASP A 253 -15.50 -6.71 1.96
CA ASP A 253 -16.33 -6.56 3.18
C ASP A 253 -15.61 -5.62 4.16
N LEU A 254 -14.30 -5.75 4.39
CA LEU A 254 -13.59 -4.89 5.38
C LEU A 254 -13.42 -3.48 4.82
N MET A 255 -13.15 -3.32 3.54
CA MET A 255 -13.00 -1.96 2.96
C MET A 255 -14.34 -1.21 3.08
N GLY A 256 -15.46 -1.90 2.81
CA GLY A 256 -16.81 -1.32 2.77
C GLY A 256 -17.32 -0.87 4.13
N MET A 257 -16.66 -1.21 5.22
CA MET A 257 -17.07 -0.75 6.57
C MET A 257 -16.61 0.70 6.78
N ASN A 258 -15.88 1.28 5.83
CA ASN A 258 -15.39 2.68 5.91
C ASN A 258 -16.12 3.52 4.88
N SER A 259 -16.19 4.82 5.11
CA SER A 259 -16.68 5.80 4.11
C SER A 259 -15.56 6.17 3.15
N HIS A 260 -14.30 6.05 3.57
CA HIS A 260 -13.10 6.38 2.75
C HIS A 260 -11.92 5.58 3.32
N LEU A 261 -10.76 5.53 2.64
CA LEU A 261 -9.58 4.74 3.08
C LEU A 261 -8.42 5.68 3.44
N GLU A 262 -7.82 5.48 4.61
CA GLU A 262 -6.56 6.16 5.01
C GLU A 262 -5.44 5.12 5.07
N LEU A 263 -4.51 5.16 4.12
CA LEU A 263 -3.44 4.15 4.00
C LEU A 263 -2.28 4.64 4.87
N GLU A 264 -2.30 4.26 6.15
CA GLU A 264 -1.16 4.44 7.07
C GLU A 264 0.02 3.68 6.43
N SER A 265 1.09 4.39 6.10
CA SER A 265 2.22 3.89 5.26
C SER A 265 3.46 4.78 5.45
N LEU A 266 4.08 4.73 6.63
CA LEU A 266 5.36 5.41 6.96
C LEU A 266 6.51 4.57 6.41
N PRO A 267 7.11 4.99 5.27
CA PRO A 267 8.17 4.22 4.61
C PRO A 267 9.46 4.13 5.43
N THR A 268 9.65 4.99 6.43
CA THR A 268 10.82 4.99 7.34
C THR A 268 10.41 4.57 8.73
N GLY A 269 9.21 4.04 8.91
CA GLY A 269 8.59 3.82 10.23
C GLY A 269 8.06 2.41 10.39
N GLY A 270 8.52 1.46 9.57
CA GLY A 270 8.06 0.06 9.67
C GLY A 270 7.38 -0.46 8.39
N TRP A 271 6.89 0.38 7.49
CA TRP A 271 6.08 -0.09 6.34
C TRP A 271 6.95 -0.42 5.12
N GLY A 272 8.10 0.25 4.94
CA GLY A 272 8.89 0.23 3.69
C GLY A 272 8.24 1.01 2.54
N TYR A 273 8.92 1.13 1.40
CA TYR A 273 8.54 2.02 0.28
C TYR A 273 7.65 1.30 -0.75
N ASP A 274 7.53 -0.01 -0.64
CA ASP A 274 6.70 -0.81 -1.57
C ASP A 274 5.24 -0.77 -1.12
N HIS A 275 5.01 -0.61 0.18
CA HIS A 275 3.67 -0.77 0.77
C HIS A 275 2.71 0.24 0.14
N PHE A 276 3.10 1.50 -0.02
CA PHE A 276 2.17 2.53 -0.54
C PHE A 276 1.72 2.18 -1.97
N PRO A 277 2.61 2.03 -2.98
CA PRO A 277 2.15 1.73 -4.33
C PRO A 277 1.32 0.44 -4.39
N LEU A 278 1.65 -0.58 -3.59
CA LEU A 278 0.91 -1.88 -3.57
C LEU A 278 -0.52 -1.63 -3.11
N SER A 279 -0.73 -0.71 -2.16
CA SER A 279 -2.04 -0.36 -1.61
C SER A 279 -2.80 0.63 -2.52
N ALA A 280 -2.16 1.72 -2.91
CA ALA A 280 -2.77 2.80 -3.72
C ALA A 280 -3.23 2.26 -5.08
N ARG A 281 -2.48 1.39 -5.73
CA ARG A 281 -2.82 0.87 -7.08
C ARG A 281 -3.88 -0.23 -6.98
N TYR A 282 -4.17 -0.66 -5.75
CA TYR A 282 -5.33 -1.54 -5.43
C TYR A 282 -6.54 -0.68 -5.07
N ALA A 283 -6.34 0.40 -4.33
CA ALA A 283 -7.42 1.28 -3.83
C ALA A 283 -8.07 2.07 -4.97
N GLN A 284 -7.29 2.73 -5.80
CA GLN A 284 -7.88 3.72 -6.75
C GLN A 284 -9.00 3.09 -7.57
N PRO A 285 -8.82 1.93 -8.26
CA PRO A 285 -9.89 1.38 -9.08
C PRO A 285 -11.12 0.85 -8.34
N THR A 286 -11.11 0.82 -7.00
CA THR A 286 -12.29 0.37 -6.23
C THR A 286 -13.33 1.48 -6.19
N GLY A 287 -12.95 2.74 -6.43
CA GLY A 287 -13.87 3.88 -6.34
C GLY A 287 -13.81 4.57 -5.00
N PHE A 288 -13.21 3.98 -3.97
CA PHE A 288 -13.03 4.68 -2.67
C PHE A 288 -12.15 5.92 -2.87
N HIS A 289 -12.52 7.04 -2.26
CA HIS A 289 -11.61 8.16 -1.96
C HIS A 289 -10.63 7.63 -0.91
N PHE A 290 -9.35 7.93 -1.04
CA PHE A 290 -8.29 7.38 -0.15
C PHE A 290 -7.12 8.37 -0.10
N LEU A 291 -6.44 8.40 1.04
CA LEU A 291 -5.21 9.20 1.22
C LEU A 291 -4.06 8.26 1.60
N GLY A 292 -2.84 8.71 1.30
CA GLY A 292 -1.57 8.17 1.80
C GLY A 292 -1.15 8.96 3.02
N MET A 293 -0.98 8.27 4.15
CA MET A 293 -0.56 8.90 5.42
C MET A 293 0.89 8.48 5.70
N THR A 294 1.77 9.46 5.70
CA THR A 294 3.18 9.34 6.09
C THR A 294 3.35 10.07 7.40
N GLY A 295 4.58 10.17 7.87
CA GLY A 295 4.94 10.92 9.06
C GLY A 295 5.97 11.99 8.77
N LYS A 296 5.92 13.04 9.54
CA LYS A 296 6.86 14.19 9.52
C LYS A 296 8.18 13.71 10.14
N PHE A 297 8.07 12.74 11.04
CA PHE A 297 9.15 12.07 11.82
C PHE A 297 10.18 11.44 10.89
N HIS A 298 11.41 11.32 11.37
CA HIS A 298 12.50 10.54 10.70
C HIS A 298 12.13 9.04 10.69
N THR A 299 11.59 8.54 11.80
CA THR A 299 11.27 7.12 12.03
C THR A 299 9.74 6.96 12.12
N PHE A 300 9.22 6.59 13.27
CA PHE A 300 7.79 6.22 13.40
C PHE A 300 7.14 7.11 14.44
N TRP A 301 5.84 6.89 14.60
CA TRP A 301 4.94 7.65 15.48
C TRP A 301 5.61 7.76 16.85
N GLY A 302 5.43 8.90 17.49
CA GLY A 302 5.95 9.14 18.84
C GLY A 302 7.34 9.71 18.81
N GLU A 303 7.91 10.00 17.63
CA GLU A 303 9.32 10.46 17.54
C GLU A 303 9.35 11.97 17.73
N PHE A 304 9.11 12.41 18.96
CA PHE A 304 9.33 13.79 19.40
C PHE A 304 10.76 14.17 19.02
N GLY A 305 10.93 15.34 18.39
CA GLY A 305 12.24 15.89 18.00
C GLY A 305 12.78 15.27 16.74
N GLY A 306 11.97 14.45 16.05
CA GLY A 306 12.37 13.74 14.82
C GLY A 306 11.86 14.48 13.60
N TYR A 307 12.72 14.70 12.60
CA TYR A 307 12.40 15.50 11.40
C TYR A 307 13.04 14.90 10.15
N LYS A 308 12.22 14.62 9.15
CA LYS A 308 12.67 14.34 7.77
C LYS A 308 13.21 15.63 7.15
N HIS A 309 13.91 15.47 6.05
CA HIS A 309 14.28 16.60 5.18
C HIS A 309 13.07 16.91 4.32
N PRO A 310 12.80 18.21 4.03
CA PRO A 310 11.70 18.59 3.15
C PRO A 310 11.56 17.76 1.88
N ASN A 311 12.68 17.45 1.22
CA ASN A 311 12.66 16.73 -0.08
C ASN A 311 11.98 15.37 0.08
N ALA A 312 12.00 14.75 1.26
CA ALA A 312 11.38 13.43 1.49
C ALA A 312 9.86 13.61 1.37
N LEU A 313 9.31 14.66 1.97
CA LEU A 313 7.84 14.88 1.97
C LEU A 313 7.38 15.42 0.62
N ARG A 314 8.23 16.17 -0.08
CA ARG A 314 7.91 16.66 -1.44
C ARG A 314 7.67 15.45 -2.33
N TYR A 315 8.58 14.48 -2.33
CA TYR A 315 8.44 13.25 -3.14
C TYR A 315 7.26 12.39 -2.69
N GLU A 316 7.11 12.17 -1.38
CA GLU A 316 6.09 11.24 -0.84
C GLU A 316 4.68 11.78 -1.14
N THR A 317 4.45 13.09 -1.03
CA THR A 317 3.14 13.72 -1.35
C THR A 317 2.92 13.60 -2.87
N ALA A 318 3.95 13.87 -3.68
CA ALA A 318 3.86 13.77 -5.16
C ALA A 318 3.41 12.36 -5.57
N LEU A 319 3.93 11.36 -4.90
CA LEU A 319 3.68 9.94 -5.24
C LEU A 319 2.23 9.59 -4.88
N SER A 320 1.70 10.17 -3.80
CA SER A 320 0.25 10.07 -3.48
C SER A 320 -0.56 10.70 -4.62
N LEU A 321 -0.30 11.95 -4.98
CA LEU A 321 -1.05 12.65 -6.08
C LEU A 321 -1.04 11.76 -7.32
N ALA A 322 0.13 11.28 -7.74
CA ALA A 322 0.28 10.56 -9.02
C ALA A 322 -0.54 9.28 -9.00
N ASN A 323 -0.82 8.72 -7.82
CA ASN A 323 -1.50 7.40 -7.70
C ASN A 323 -2.99 7.59 -7.37
N GLY A 324 -3.46 8.83 -7.30
CA GLY A 324 -4.91 9.11 -7.19
C GLY A 324 -5.33 9.29 -5.76
N ALA A 325 -4.37 9.62 -4.88
CA ALA A 325 -4.61 9.69 -3.43
C ALA A 325 -4.46 11.14 -2.96
N ARG A 326 -5.17 11.48 -1.90
CA ARG A 326 -4.93 12.68 -1.07
C ARG A 326 -3.74 12.40 -0.15
N CYS A 327 -3.29 13.39 0.60
CA CYS A 327 -2.11 13.30 1.51
C CYS A 327 -2.50 13.52 2.97
N SER A 328 -1.91 12.73 3.87
CA SER A 328 -1.86 13.03 5.31
C SER A 328 -0.40 12.96 5.77
N ILE A 329 0.01 13.88 6.64
CA ILE A 329 1.33 13.84 7.31
C ILE A 329 1.08 13.79 8.81
N GLY A 330 1.60 12.74 9.45
CA GLY A 330 1.51 12.55 10.90
C GLY A 330 2.36 13.56 11.63
N ASP A 331 1.91 14.01 12.79
CA ASP A 331 2.69 14.87 13.72
C ASP A 331 2.28 14.42 15.11
N GLN A 332 2.98 14.83 16.16
CA GLN A 332 2.42 14.72 17.54
C GLN A 332 2.56 16.08 18.19
N LEU A 333 1.44 16.60 18.70
CA LEU A 333 1.39 17.90 19.40
C LEU A 333 2.09 17.72 20.75
N HIS A 334 3.06 18.59 21.05
CA HIS A 334 3.68 18.69 22.40
C HIS A 334 2.58 18.74 23.46
N PRO A 335 2.72 18.03 24.60
CA PRO A 335 1.72 18.11 25.67
C PRO A 335 1.27 19.54 26.05
N GLY A 336 2.15 20.53 25.92
CA GLY A 336 1.83 21.93 26.28
C GLY A 336 0.86 22.58 25.31
N GLY A 337 0.64 21.99 24.14
CA GLY A 337 -0.37 22.47 23.19
C GLY A 337 0.19 23.43 22.17
N GLN A 338 1.48 23.78 22.26
CA GLN A 338 2.11 24.67 21.26
C GLN A 338 2.50 23.86 20.03
N MET A 339 1.99 24.24 18.86
CA MET A 339 2.34 23.62 17.57
C MET A 339 3.78 24.02 17.20
N ASP A 340 4.59 23.04 16.78
CA ASP A 340 6.05 23.17 16.53
C ASP A 340 6.30 23.87 15.18
N ARG A 341 6.98 25.01 15.18
CA ARG A 341 7.25 25.80 13.95
C ARG A 341 8.06 24.98 12.93
N ALA A 342 9.13 24.31 13.35
CA ALA A 342 10.00 23.51 12.45
C ALA A 342 9.14 22.49 11.70
N THR A 343 8.24 21.83 12.41
CA THR A 343 7.32 20.81 11.84
C THR A 343 6.47 21.39 10.73
N TYR A 344 5.87 22.56 10.93
CA TYR A 344 4.89 23.15 9.96
C TYR A 344 5.67 23.88 8.86
N GLU A 345 6.89 24.33 9.13
CA GLU A 345 7.85 24.67 8.05
C GLU A 345 8.04 23.46 7.13
N LEU A 346 8.38 22.32 7.72
CA LEU A 346 8.65 21.07 6.98
C LEU A 346 7.38 20.67 6.19
N ILE A 347 6.21 20.65 6.82
CA ILE A 347 4.96 20.22 6.13
C ILE A 347 4.65 21.21 4.99
N GLY A 348 4.83 22.50 5.22
CA GLY A 348 4.50 23.55 4.24
C GLY A 348 5.33 23.40 2.97
N LYS A 349 6.59 22.99 3.11
CA LYS A 349 7.45 22.87 1.90
C LYS A 349 6.88 21.81 0.96
N ALA A 350 6.20 20.80 1.48
CA ALA A 350 5.53 19.78 0.65
C ALA A 350 4.15 20.30 0.20
N TYR A 351 3.40 20.85 1.15
CA TYR A 351 1.96 21.14 0.96
C TYR A 351 1.75 22.41 0.12
N ALA A 352 2.66 23.39 0.11
CA ALA A 352 2.55 24.54 -0.85
C ALA A 352 2.48 23.98 -2.28
N GLU A 353 3.35 23.02 -2.61
CA GLU A 353 3.38 22.40 -3.96
C GLU A 353 2.10 21.56 -4.19
N VAL A 354 1.56 20.87 -3.19
CA VAL A 354 0.32 20.04 -3.37
C VAL A 354 -0.87 20.97 -3.72
N GLU A 355 -0.99 22.09 -3.01
CA GLU A 355 -2.01 23.14 -3.26
C GLU A 355 -2.08 23.51 -4.75
N ALA A 356 -0.93 23.79 -5.38
CA ALA A 356 -0.83 24.24 -6.79
C ALA A 356 -1.18 23.11 -7.76
N LYS A 357 -1.19 21.84 -7.34
CA LYS A 357 -1.34 20.69 -8.29
C LYS A 357 -2.69 20.00 -8.17
N GLU A 358 -3.44 20.24 -7.09
CA GLU A 358 -4.69 19.50 -6.73
C GLU A 358 -5.64 19.43 -7.92
N ALA A 359 -5.79 20.56 -8.61
CA ALA A 359 -6.72 20.78 -9.73
C ALA A 359 -6.56 19.66 -10.76
N TRP A 360 -5.34 19.16 -10.93
CA TRP A 360 -5.03 18.13 -11.96
C TRP A 360 -5.10 16.71 -11.39
N CYS A 361 -5.56 16.54 -10.15
CA CYS A 361 -5.62 15.21 -9.46
C CYS A 361 -7.08 14.79 -9.13
N VAL A 362 -7.98 15.73 -8.86
CA VAL A 362 -9.41 15.48 -8.49
C VAL A 362 -10.10 14.69 -9.61
N ASN A 363 -10.92 13.71 -9.22
CA ASN A 363 -11.72 12.82 -10.10
C ASN A 363 -10.88 12.15 -11.16
N ALA A 364 -9.66 11.71 -10.84
CA ALA A 364 -8.74 11.11 -11.82
C ALA A 364 -8.93 9.59 -11.84
N VAL A 365 -8.80 8.95 -13.00
CA VAL A 365 -8.91 7.48 -13.13
C VAL A 365 -7.64 7.01 -13.81
N ASN A 366 -7.09 5.88 -13.37
CA ASN A 366 -5.78 5.38 -13.84
C ASN A 366 -5.99 4.64 -15.15
N LEU A 367 -5.12 4.90 -16.11
CA LEU A 367 -5.02 4.12 -17.37
C LEU A 367 -3.88 3.09 -17.19
N ALA A 368 -4.18 1.81 -17.33
CA ALA A 368 -3.27 0.70 -17.04
C ALA A 368 -3.32 -0.29 -18.20
N ASP A 369 -2.18 -0.88 -18.58
CA ASP A 369 -2.12 -1.97 -19.57
C ASP A 369 -2.22 -3.32 -18.87
N VAL A 370 -1.90 -3.36 -17.57
CA VAL A 370 -1.54 -4.62 -16.85
C VAL A 370 -2.30 -4.68 -15.53
N ALA A 371 -2.92 -5.83 -15.28
CA ALA A 371 -3.56 -6.20 -14.01
C ALA A 371 -2.58 -7.10 -13.28
N LEU A 372 -2.21 -6.76 -12.05
CA LEU A 372 -1.40 -7.63 -11.17
C LEU A 372 -2.32 -8.24 -10.12
N LEU A 373 -2.55 -9.54 -10.19
CA LEU A 373 -3.27 -10.29 -9.15
C LEU A 373 -2.24 -10.61 -8.07
N THR A 374 -2.25 -9.88 -6.96
CA THR A 374 -1.26 -10.10 -5.87
C THR A 374 -1.53 -11.48 -5.30
N VAL A 375 -0.49 -12.12 -4.78
CA VAL A 375 -0.64 -13.33 -3.93
C VAL A 375 -1.60 -13.00 -2.78
N GLU A 376 -1.49 -11.82 -2.19
CA GLU A 376 -2.37 -11.45 -1.06
C GLU A 376 -3.85 -11.44 -1.53
N ALA A 377 -4.16 -10.79 -2.66
CA ALA A 377 -5.54 -10.67 -3.18
C ALA A 377 -6.08 -12.06 -3.51
N ALA A 378 -5.24 -12.95 -4.01
CA ALA A 378 -5.70 -14.28 -4.44
C ALA A 378 -5.89 -15.21 -3.23
N GLY A 379 -5.51 -14.77 -2.01
CA GLY A 379 -5.71 -15.53 -0.76
C GLY A 379 -4.79 -16.73 -0.65
N VAL A 380 -3.52 -16.59 -1.03
CA VAL A 380 -2.51 -17.69 -1.13
C VAL A 380 -1.36 -17.32 -0.19
N GLN A 381 -0.74 -18.30 0.49
CA GLN A 381 0.37 -18.05 1.44
C GLN A 381 1.58 -17.46 0.70
N GLN A 382 2.25 -16.45 1.31
CA GLN A 382 3.60 -16.00 0.88
C GLN A 382 4.47 -15.64 2.09
N GLU A 383 5.78 -15.69 1.86
CA GLU A 383 6.86 -15.12 2.70
C GLU A 383 6.62 -13.61 2.89
N SER A 384 6.62 -13.15 4.13
CA SER A 384 6.62 -11.72 4.48
C SER A 384 7.96 -11.11 4.06
N GLY A 385 7.97 -9.94 3.42
CA GLY A 385 9.20 -9.19 3.06
C GLY A 385 9.30 -7.84 3.76
N ALA A 386 8.22 -7.44 4.44
CA ALA A 386 8.09 -6.21 5.26
C ALA A 386 6.85 -6.39 6.14
N MET A 387 6.58 -5.43 7.04
CA MET A 387 5.56 -5.58 8.12
C MET A 387 4.19 -6.01 7.54
N TYR A 388 3.76 -5.46 6.41
CA TYR A 388 2.43 -5.74 5.79
C TYR A 388 2.54 -6.03 4.27
N SER A 389 3.71 -6.41 3.73
CA SER A 389 3.90 -6.77 2.30
C SER A 389 4.61 -8.12 2.20
N GLY A 390 4.19 -8.95 1.24
CA GLY A 390 4.81 -10.26 0.95
C GLY A 390 5.85 -10.14 -0.13
N LYS A 391 6.76 -11.11 -0.19
CA LYS A 391 7.95 -11.05 -1.05
C LYS A 391 7.56 -11.13 -2.53
N VAL A 392 6.66 -12.03 -2.91
CA VAL A 392 6.23 -12.12 -4.33
C VAL A 392 5.66 -10.73 -4.72
N ASP A 393 4.77 -10.17 -3.90
CA ASP A 393 4.02 -8.93 -4.22
C ASP A 393 5.03 -7.77 -4.33
N MET A 394 5.99 -7.67 -3.41
CA MET A 394 7.05 -6.62 -3.46
C MET A 394 7.90 -6.79 -4.72
N GLY A 395 8.31 -8.02 -5.02
CA GLY A 395 9.02 -8.32 -6.27
C GLY A 395 8.31 -7.75 -7.48
N ALA A 396 7.02 -8.05 -7.62
CA ALA A 396 6.23 -7.67 -8.82
C ALA A 396 6.10 -6.14 -8.89
N VAL A 397 5.77 -5.49 -7.78
CA VAL A 397 5.53 -4.02 -7.78
C VAL A 397 6.84 -3.32 -8.12
N ARG A 398 7.96 -3.83 -7.62
CA ARG A 398 9.30 -3.23 -7.88
C ARG A 398 9.54 -3.26 -9.38
N MET A 399 9.31 -4.40 -10.02
CA MET A 399 9.56 -4.54 -11.47
C MET A 399 8.64 -3.62 -12.27
N LEU A 400 7.37 -3.52 -11.88
CA LEU A 400 6.35 -2.70 -12.60
C LEU A 400 6.71 -1.21 -12.51
N LEU A 401 7.15 -0.75 -11.34
CA LEU A 401 7.49 0.68 -11.11
C LEU A 401 8.78 1.02 -11.86
N GLU A 402 9.80 0.19 -11.70
CA GLU A 402 11.13 0.39 -12.33
C GLU A 402 10.98 0.27 -13.86
N GLY A 403 10.09 -0.59 -14.32
CA GLY A 403 9.84 -0.80 -15.76
C GLY A 403 8.87 0.19 -16.39
N LYS A 404 8.22 1.08 -15.63
CA LYS A 404 7.29 2.13 -16.16
C LYS A 404 6.09 1.46 -16.86
N ILE A 405 5.76 0.24 -16.46
CA ILE A 405 4.52 -0.47 -16.89
C ILE A 405 3.36 0.21 -16.18
N LEU A 406 2.29 0.53 -16.90
CA LEU A 406 1.08 1.14 -16.31
C LEU A 406 0.18 0.02 -15.81
N PHE A 407 -0.14 0.04 -14.51
CA PHE A 407 -0.74 -1.14 -13.87
C PHE A 407 -1.77 -0.71 -12.84
N ASP A 408 -2.66 -1.66 -12.56
CA ASP A 408 -3.51 -1.62 -11.35
C ASP A 408 -3.26 -2.92 -10.61
N ILE A 409 -3.59 -2.96 -9.32
CA ILE A 409 -3.68 -4.25 -8.60
C ILE A 409 -5.16 -4.61 -8.55
N VAL A 410 -5.47 -5.89 -8.79
CA VAL A 410 -6.86 -6.41 -8.90
C VAL A 410 -7.00 -7.59 -7.94
N ASP A 411 -8.25 -7.89 -7.55
CA ASP A 411 -8.60 -9.11 -6.79
C ASP A 411 -9.62 -9.92 -7.61
N LEU A 412 -10.21 -10.94 -7.01
CA LEU A 412 -11.13 -11.87 -7.71
C LEU A 412 -12.50 -11.21 -7.95
N GLU A 413 -12.74 -10.03 -7.36
CA GLU A 413 -14.00 -9.26 -7.49
C GLU A 413 -13.82 -8.20 -8.57
N SER A 414 -12.58 -7.89 -8.95
CA SER A 414 -12.29 -6.85 -9.97
C SER A 414 -12.81 -7.33 -11.33
N ASP A 415 -13.07 -6.39 -12.23
CA ASP A 415 -13.36 -6.69 -13.66
C ASP A 415 -12.03 -6.66 -14.42
N TRP A 416 -11.56 -7.82 -14.89
CA TRP A 416 -10.24 -7.95 -15.58
C TRP A 416 -10.36 -7.53 -17.06
N SER A 417 -11.58 -7.41 -17.62
CA SER A 417 -11.78 -7.37 -19.10
C SER A 417 -11.15 -6.11 -19.70
N GLY A 418 -10.98 -5.04 -18.92
CA GLY A 418 -10.31 -3.79 -19.39
C GLY A 418 -8.79 -3.87 -19.46
N TYR A 419 -8.17 -5.01 -19.09
CA TYR A 419 -6.70 -5.15 -18.94
C TYR A 419 -6.18 -6.03 -20.08
N LYS A 420 -5.14 -5.57 -20.78
CA LYS A 420 -4.52 -6.37 -21.86
C LYS A 420 -3.79 -7.59 -21.31
N VAL A 421 -3.08 -7.42 -20.19
CA VAL A 421 -2.23 -8.50 -19.59
C VAL A 421 -2.60 -8.64 -18.12
N LEU A 422 -2.75 -9.88 -17.69
CA LEU A 422 -2.88 -10.28 -16.28
C LEU A 422 -1.54 -10.91 -15.87
N ILE A 423 -0.94 -10.43 -14.77
CA ILE A 423 0.24 -11.09 -14.16
C ILE A 423 -0.23 -12.04 -13.06
N LEU A 424 0.15 -13.30 -13.15
CA LEU A 424 -0.01 -14.34 -12.09
C LEU A 424 1.39 -14.64 -11.51
N PRO A 425 1.80 -13.94 -10.43
CA PRO A 425 3.16 -14.09 -9.90
C PRO A 425 3.38 -15.29 -8.96
N ASP A 426 4.22 -16.20 -9.43
CA ASP A 426 4.96 -17.24 -8.64
C ASP A 426 4.03 -18.31 -8.11
N SER A 427 2.91 -17.94 -7.50
CA SER A 427 2.18 -18.90 -6.64
C SER A 427 0.66 -18.91 -6.87
N ILE A 428 0.15 -18.41 -8.00
CA ILE A 428 -1.33 -18.41 -8.25
C ILE A 428 -1.73 -19.77 -8.81
N VAL A 429 -1.85 -20.76 -7.95
CA VAL A 429 -2.40 -22.10 -8.30
C VAL A 429 -3.87 -21.93 -8.73
N MET A 430 -4.34 -22.76 -9.66
CA MET A 430 -5.70 -22.62 -10.25
C MET A 430 -6.75 -23.35 -9.39
N LYS A 431 -7.06 -22.79 -8.23
CA LYS A 431 -8.15 -23.30 -7.34
C LYS A 431 -9.50 -22.88 -7.93
N ASP A 432 -10.58 -23.46 -7.37
CA ASP A 432 -11.97 -23.26 -7.86
C ASP A 432 -12.30 -21.77 -7.95
N THR A 433 -11.86 -20.94 -7.00
CA THR A 433 -12.18 -19.49 -6.96
C THR A 433 -11.43 -18.69 -8.04
N ILE A 434 -10.45 -19.27 -8.75
CA ILE A 434 -9.56 -18.49 -9.66
C ILE A 434 -9.65 -18.96 -11.12
N LEU A 435 -9.64 -20.27 -11.38
CA LEU A 435 -9.43 -20.78 -12.76
C LEU A 435 -10.52 -20.24 -13.71
N PRO A 436 -11.83 -20.33 -13.40
CA PRO A 436 -12.87 -19.83 -14.30
C PRO A 436 -12.64 -18.36 -14.69
N LYS A 437 -12.29 -17.51 -13.73
CA LYS A 437 -12.10 -16.07 -14.04
C LYS A 437 -10.86 -15.93 -14.95
N VAL A 438 -9.82 -16.77 -14.80
CA VAL A 438 -8.65 -16.69 -15.72
C VAL A 438 -9.07 -17.21 -17.10
N GLU A 439 -9.82 -18.31 -17.15
CA GLU A 439 -10.22 -18.93 -18.45
C GLU A 439 -11.06 -17.93 -19.23
N ALA A 440 -11.94 -17.19 -18.54
CA ALA A 440 -12.85 -16.19 -19.15
C ALA A 440 -12.04 -15.02 -19.70
N PHE A 441 -11.06 -14.54 -18.93
CA PHE A 441 -10.11 -13.47 -19.34
C PHE A 441 -9.34 -13.87 -20.61
N LEU A 442 -8.85 -15.11 -20.70
CA LEU A 442 -8.11 -15.63 -21.89
C LEU A 442 -9.07 -15.78 -23.08
N ALA A 443 -10.27 -16.33 -22.86
CA ALA A 443 -11.28 -16.52 -23.94
C ALA A 443 -11.63 -15.16 -24.56
N ALA A 444 -11.67 -14.10 -23.77
CA ALA A 444 -12.07 -12.74 -24.22
C ALA A 444 -10.88 -12.00 -24.84
N GLY A 445 -9.72 -12.64 -25.02
CA GLY A 445 -8.56 -12.06 -25.72
C GLY A 445 -7.50 -11.49 -24.77
N GLY A 446 -7.54 -11.81 -23.48
CA GLY A 446 -6.50 -11.35 -22.53
C GLY A 446 -5.23 -12.18 -22.66
N LYS A 447 -4.07 -11.62 -22.31
CA LYS A 447 -2.82 -12.42 -22.21
C LYS A 447 -2.32 -12.49 -20.75
N VAL A 448 -1.71 -13.60 -20.39
CA VAL A 448 -1.20 -13.84 -19.01
C VAL A 448 0.34 -13.92 -19.04
N LEU A 449 0.98 -13.26 -18.08
CA LEU A 449 2.37 -13.57 -17.69
C LEU A 449 2.29 -14.35 -16.40
N ALA A 450 2.72 -15.60 -16.41
CA ALA A 450 2.72 -16.50 -15.24
C ALA A 450 4.16 -16.91 -14.91
N SER A 451 4.50 -17.08 -13.64
CA SER A 451 5.81 -17.64 -13.21
C SER A 451 5.60 -18.76 -12.20
N GLY A 452 6.53 -19.69 -12.17
CA GLY A 452 6.66 -20.67 -11.09
C GLY A 452 5.45 -21.58 -11.01
N ARG A 453 4.80 -21.59 -9.85
CA ARG A 453 3.61 -22.43 -9.57
C ARG A 453 2.37 -21.85 -10.25
N SER A 454 2.39 -20.60 -10.74
CA SER A 454 1.20 -19.97 -11.34
C SER A 454 0.68 -20.84 -12.49
N GLY A 455 -0.62 -21.15 -12.45
CA GLY A 455 -1.30 -21.92 -13.49
C GLY A 455 -1.39 -23.40 -13.15
N LEU A 456 -0.60 -23.87 -12.19
CA LEU A 456 -0.67 -25.30 -11.78
C LEU A 456 -2.01 -25.55 -11.11
N ASN A 457 -2.48 -26.80 -11.15
CA ASN A 457 -3.59 -27.26 -10.29
C ASN A 457 -3.08 -27.21 -8.84
N VAL A 458 -3.99 -27.37 -7.88
CA VAL A 458 -3.69 -27.26 -6.43
C VAL A 458 -2.67 -28.33 -6.05
N GLU A 459 -2.78 -29.52 -6.67
CA GLU A 459 -1.95 -30.73 -6.39
C GLU A 459 -0.53 -30.50 -6.90
N LEU A 460 -0.32 -29.48 -7.74
CA LEU A 460 0.97 -29.11 -8.39
C LEU A 460 1.47 -30.25 -9.29
N THR A 461 0.58 -30.93 -9.99
CA THR A 461 0.97 -32.04 -10.89
C THR A 461 0.71 -31.67 -12.34
N ARG A 462 -0.08 -30.63 -12.64
CA ARG A 462 -0.47 -30.33 -14.04
C ARG A 462 -0.64 -28.82 -14.25
N GLN A 463 -0.11 -28.29 -15.35
CA GLN A 463 -0.32 -26.89 -15.76
C GLN A 463 -1.69 -26.78 -16.45
N MET A 464 -2.59 -25.94 -15.95
CA MET A 464 -4.01 -25.87 -16.39
C MET A 464 -4.22 -24.78 -17.43
N LEU A 465 -3.25 -23.91 -17.67
CA LEU A 465 -3.40 -22.81 -18.66
C LEU A 465 -2.73 -23.25 -19.96
N PRO A 466 -3.24 -22.83 -21.15
CA PRO A 466 -2.64 -23.19 -22.42
C PRO A 466 -1.44 -22.28 -22.78
N LEU A 467 -0.27 -22.60 -22.22
CA LEU A 467 0.92 -21.71 -22.27
C LEU A 467 2.06 -22.38 -23.03
N GLY A 468 1.82 -23.57 -23.58
CA GLY A 468 2.65 -24.15 -24.66
C GLY A 468 3.66 -25.17 -24.18
N PHE A 469 3.46 -25.76 -23.00
CA PHE A 469 4.41 -26.74 -22.46
C PHE A 469 3.66 -27.65 -21.51
N THR A 470 4.25 -28.78 -21.11
CA THR A 470 3.75 -29.61 -19.99
C THR A 470 4.73 -29.47 -18.82
N ASP A 471 4.22 -29.63 -17.60
CA ASP A 471 4.99 -29.51 -16.34
C ASP A 471 5.56 -30.89 -16.03
N SER A 472 6.89 -30.98 -15.87
CA SER A 472 7.58 -32.24 -15.50
C SER A 472 8.02 -32.20 -14.04
N GLY A 473 7.34 -31.42 -13.18
CA GLY A 473 7.58 -31.45 -11.72
C GLY A 473 8.58 -30.41 -11.23
N LEU A 474 8.72 -30.32 -9.91
CA LEU A 474 9.69 -29.49 -9.17
C LEU A 474 11.07 -29.66 -9.82
N ASN A 475 11.72 -28.59 -10.25
CA ASN A 475 13.07 -28.71 -10.84
C ASN A 475 14.00 -29.25 -9.76
N PRO A 476 14.82 -30.27 -10.04
CA PRO A 476 15.62 -30.88 -8.98
C PRO A 476 16.97 -30.20 -8.72
N PHE A 477 17.30 -29.09 -9.39
CA PHE A 477 18.49 -28.26 -9.05
C PHE A 477 18.01 -26.86 -8.61
N ARG A 478 18.60 -26.32 -7.55
CA ARG A 478 18.39 -24.93 -7.08
C ARG A 478 19.60 -24.55 -6.24
N PRO A 479 20.34 -23.46 -6.56
CA PRO A 479 20.11 -22.64 -7.75
C PRO A 479 20.39 -23.36 -9.08
N ASP A 480 20.04 -22.71 -10.18
CA ASP A 480 20.39 -23.15 -11.55
C ASP A 480 20.45 -21.91 -12.43
N TYR A 481 20.35 -22.07 -13.76
CA TYR A 481 20.69 -21.02 -14.74
C TYR A 481 19.60 -20.87 -15.81
N PHE A 482 19.47 -19.64 -16.28
CA PHE A 482 18.61 -19.23 -17.40
C PHE A 482 19.51 -18.63 -18.46
N ARG A 483 19.39 -19.12 -19.70
CA ARG A 483 20.07 -18.50 -20.87
C ARG A 483 19.06 -17.90 -21.82
N PRO A 484 19.07 -16.56 -22.04
CA PRO A 484 18.17 -15.92 -22.99
C PRO A 484 18.50 -16.48 -24.39
N LEU A 485 17.49 -16.67 -25.23
CA LEU A 485 17.70 -17.12 -26.64
C LEU A 485 17.25 -16.04 -27.60
N CSO A 486 16.70 -14.93 -27.09
CA CSO A 486 16.33 -13.77 -27.90
CB CSO A 486 14.92 -13.31 -27.58
SG CSO A 486 13.60 -14.52 -27.89
C CSO A 486 17.27 -12.62 -27.61
O CSO A 486 17.68 -12.42 -26.47
OD CSO A 486 13.56 -14.74 -29.54
N ASP A 487 17.57 -11.82 -28.63
CA ASP A 487 18.33 -10.59 -28.44
C ASP A 487 17.47 -9.58 -27.66
N GLY A 488 18.13 -8.59 -27.05
CA GLY A 488 17.47 -7.46 -26.37
C GLY A 488 16.82 -7.83 -25.05
N MET A 489 17.15 -8.98 -24.45
CA MET A 489 16.60 -9.34 -23.12
C MET A 489 17.55 -8.85 -22.03
N ALA A 490 18.79 -9.31 -22.00
CA ALA A 490 19.79 -8.97 -20.96
C ALA A 490 20.71 -7.89 -21.50
N ASN A 491 20.97 -6.83 -20.72
CA ASN A 491 21.85 -5.71 -21.18
C ASN A 491 23.24 -6.21 -21.58
N LEU A 492 23.76 -7.32 -21.02
CA LEU A 492 25.13 -7.82 -21.34
C LEU A 492 25.07 -8.93 -22.39
N GLY A 493 23.89 -9.35 -22.82
CA GLY A 493 23.75 -10.34 -23.90
C GLY A 493 23.82 -11.78 -23.39
N GLU A 494 24.25 -12.71 -24.26
CA GLU A 494 24.15 -14.17 -24.04
C GLU A 494 25.07 -14.55 -22.88
N ALA A 495 24.53 -15.32 -21.94
CA ALA A 495 25.21 -15.88 -20.75
C ALA A 495 24.24 -16.84 -20.08
N ALA A 496 24.74 -17.63 -19.15
CA ALA A 496 23.91 -18.42 -18.23
C ALA A 496 23.79 -17.58 -16.95
N TYR A 497 22.58 -17.07 -16.68
CA TYR A 497 22.31 -16.20 -15.51
C TYR A 497 21.75 -17.06 -14.38
N VAL A 498 22.23 -16.85 -13.17
CA VAL A 498 21.82 -17.69 -12.00
C VAL A 498 20.40 -17.32 -11.58
N MET A 499 19.59 -18.35 -11.40
CA MET A 499 18.21 -18.30 -10.86
C MET A 499 18.21 -18.95 -9.49
N TYR A 500 17.81 -18.22 -8.45
CA TYR A 500 17.78 -18.72 -7.05
C TYR A 500 16.39 -19.23 -6.66
N GLY A 501 15.35 -18.83 -7.37
CA GLY A 501 13.96 -19.24 -7.09
C GLY A 501 13.75 -20.72 -7.32
N ASP A 502 12.82 -21.35 -6.59
CA ASP A 502 12.36 -22.72 -6.93
C ASP A 502 11.86 -22.73 -8.38
N GLY A 503 12.16 -23.79 -9.11
CA GLY A 503 11.80 -23.91 -10.53
C GLY A 503 10.77 -24.99 -10.77
N ARG A 504 10.17 -24.96 -11.96
CA ARG A 504 9.44 -26.12 -12.53
C ARG A 504 10.22 -26.59 -13.75
N ARG A 505 10.63 -27.86 -13.77
CA ARG A 505 11.11 -28.47 -15.03
C ARG A 505 9.91 -28.59 -15.98
N ILE A 506 10.07 -28.15 -17.22
CA ILE A 506 8.97 -28.15 -18.24
C ILE A 506 9.46 -28.67 -19.60
N GLU A 507 8.51 -29.12 -20.43
CA GLU A 507 8.73 -29.73 -21.76
C GLU A 507 7.88 -28.98 -22.80
N LEU A 508 8.52 -28.32 -23.76
CA LEU A 508 7.86 -27.62 -24.90
C LEU A 508 6.90 -28.58 -25.61
N THR A 509 5.68 -28.12 -25.91
CA THR A 509 4.71 -28.74 -26.85
C THR A 509 4.54 -27.79 -28.03
N ASP A 510 3.51 -26.93 -28.05
CA ASP A 510 3.28 -26.03 -29.21
C ASP A 510 3.88 -24.63 -28.97
N GLY A 511 4.47 -24.36 -27.81
CA GLY A 511 5.02 -23.04 -27.50
C GLY A 511 6.32 -22.75 -28.22
N THR A 512 6.72 -21.48 -28.22
CA THR A 512 8.04 -20.98 -28.67
C THR A 512 8.96 -20.77 -27.45
N GLU A 513 10.20 -21.28 -27.50
CA GLU A 513 11.22 -21.14 -26.44
C GLU A 513 11.90 -19.76 -26.54
N LEU A 514 11.83 -18.92 -25.51
CA LEU A 514 12.51 -17.60 -25.54
C LEU A 514 13.81 -17.65 -24.74
N GLY A 515 14.01 -18.68 -23.93
CA GLY A 515 15.28 -18.96 -23.25
C GLY A 515 15.25 -20.33 -22.62
N ARG A 516 16.40 -20.86 -22.21
CA ARG A 516 16.48 -22.25 -21.71
C ARG A 516 17.04 -22.30 -20.29
N ARG A 517 16.79 -23.44 -19.67
CA ARG A 517 17.32 -23.82 -18.34
C ARG A 517 18.64 -24.55 -18.57
N GLU A 518 19.68 -24.23 -17.79
CA GLU A 518 20.91 -25.06 -17.71
C GLU A 518 21.06 -25.56 -16.28
N ASP A 519 21.43 -26.82 -16.13
CA ASP A 519 21.66 -27.49 -14.84
C ASP A 519 23.06 -27.16 -14.37
N PRO A 520 23.26 -26.98 -13.06
CA PRO A 520 24.61 -26.96 -12.50
C PRO A 520 25.17 -28.39 -12.54
N TYR A 521 26.46 -28.54 -12.30
CA TYR A 521 27.12 -29.86 -12.20
C TYR A 521 26.43 -30.66 -11.10
N PHE A 522 26.08 -29.98 -10.02
CA PHE A 522 25.43 -30.65 -8.86
C PHE A 522 24.95 -29.56 -7.90
N ASN A 523 24.04 -29.92 -7.00
CA ASN A 523 23.63 -29.03 -5.88
C ASN A 523 24.75 -28.97 -4.85
N ARG A 524 24.89 -27.83 -4.19
CA ARG A 524 25.84 -27.63 -3.06
C ARG A 524 25.45 -28.60 -1.95
N GLN A 525 26.35 -29.49 -1.58
CA GLN A 525 26.07 -30.48 -0.52
C GLN A 525 27.39 -30.95 0.10
N ALA A 526 27.29 -31.69 1.19
CA ALA A 526 28.46 -32.31 1.83
C ALA A 526 29.14 -33.19 0.79
N PHE A 527 30.46 -33.10 0.67
CA PHE A 527 31.25 -34.00 -0.20
C PHE A 527 31.16 -33.60 -1.67
N ARG A 528 30.21 -32.75 -2.04
CA ARG A 528 30.09 -32.24 -3.43
C ARG A 528 29.73 -30.76 -3.42
N PHE A 529 30.73 -29.89 -3.50
CA PHE A 529 30.55 -28.42 -3.58
C PHE A 529 31.73 -27.83 -4.34
N CYS A 530 31.49 -26.72 -5.02
CA CYS A 530 32.47 -26.03 -5.88
C CYS A 530 32.47 -24.56 -5.46
N SER A 531 33.57 -24.11 -4.87
CA SER A 531 33.81 -22.70 -4.50
C SER A 531 32.85 -22.34 -3.36
N HIS A 532 32.57 -21.06 -3.22
CA HIS A 532 31.91 -20.51 -2.01
C HIS A 532 30.41 -20.74 -2.02
N GLN A 533 29.79 -20.90 -3.19
CA GLN A 533 28.31 -20.90 -3.34
C GLN A 533 27.88 -22.09 -4.21
N HIS A 534 27.02 -21.87 -5.20
CA HIS A 534 26.50 -22.94 -6.10
C HIS A 534 27.56 -23.36 -7.09
N ALA A 535 27.38 -24.55 -7.66
CA ALA A 535 28.24 -25.09 -8.72
C ALA A 535 27.99 -24.31 -10.00
N PRO A 536 29.05 -24.12 -10.81
CA PRO A 536 28.90 -23.45 -12.10
C PRO A 536 27.99 -24.28 -13.03
N SER A 537 27.60 -23.68 -14.16
CA SER A 537 26.73 -24.34 -15.17
C SER A 537 27.45 -25.53 -15.79
N SER A 538 26.78 -26.69 -15.87
CA SER A 538 27.23 -27.88 -16.63
C SER A 538 27.13 -27.58 -18.13
N GLU A 539 26.44 -26.52 -18.50
CA GLU A 539 26.16 -26.14 -19.90
C GLU A 539 25.28 -27.20 -20.58
N GLN A 540 24.68 -28.12 -19.82
CA GLN A 540 23.67 -29.11 -20.28
C GLN A 540 22.29 -28.47 -20.21
N GLU A 541 21.66 -28.28 -21.37
CA GLU A 541 20.23 -27.94 -21.60
C GLU A 541 19.38 -28.70 -20.55
N GLY A 542 18.44 -28.02 -19.89
CA GLY A 542 17.50 -28.63 -18.92
C GLY A 542 16.06 -28.30 -19.27
N GLY A 543 15.79 -28.11 -20.56
CA GLY A 543 14.45 -27.80 -21.10
C GLY A 543 14.26 -26.29 -21.17
N PRO A 544 13.10 -25.80 -21.65
CA PRO A 544 12.86 -24.37 -21.75
C PRO A 544 12.74 -23.75 -20.37
N GLY A 545 13.04 -22.46 -20.29
CA GLY A 545 12.90 -21.64 -19.07
C GLY A 545 11.85 -20.56 -19.24
N MET A 546 11.68 -20.05 -20.46
CA MET A 546 10.66 -19.03 -20.82
C MET A 546 9.93 -19.50 -22.09
N VAL A 547 8.60 -19.63 -22.05
CA VAL A 547 7.80 -20.17 -23.19
C VAL A 547 6.71 -19.17 -23.55
N GLU A 548 6.68 -18.73 -24.82
CA GLU A 548 5.59 -17.89 -25.41
C GLU A 548 4.56 -18.77 -26.13
N SER A 549 3.29 -18.45 -25.94
CA SER A 549 2.14 -19.08 -26.65
C SER A 549 1.25 -17.94 -27.15
N ALA A 550 0.14 -18.26 -27.82
CA ALA A 550 -0.84 -17.26 -28.34
C ALA A 550 -1.42 -16.45 -27.17
N GLN A 551 -1.61 -17.08 -26.01
CA GLN A 551 -2.30 -16.43 -24.85
C GLN A 551 -1.31 -15.97 -23.75
N GLY A 552 0.01 -16.07 -23.97
CA GLY A 552 0.96 -15.37 -23.08
C GLY A 552 2.31 -16.03 -22.91
N ILE A 553 2.94 -15.78 -21.77
CA ILE A 553 4.37 -16.14 -21.51
C ILE A 553 4.48 -16.71 -20.11
N TYR A 554 5.17 -17.85 -19.99
CA TYR A 554 5.46 -18.54 -18.71
C TYR A 554 6.97 -18.49 -18.44
N ILE A 555 7.37 -18.29 -17.19
CA ILE A 555 8.79 -18.25 -16.73
C ILE A 555 8.90 -19.34 -15.67
N ALA A 556 9.78 -20.31 -15.88
CA ALA A 556 9.79 -21.57 -15.12
C ALA A 556 10.45 -21.42 -13.74
N TRP A 557 10.47 -20.21 -13.16
CA TRP A 557 11.08 -19.94 -11.82
C TRP A 557 10.20 -18.98 -11.03
N ASN A 558 10.29 -19.05 -9.70
CA ASN A 558 9.71 -18.03 -8.79
C ASN A 558 10.55 -16.73 -8.89
N VAL A 559 10.51 -16.04 -10.02
CA VAL A 559 11.38 -14.87 -10.31
C VAL A 559 11.01 -13.65 -9.44
N PHE A 560 9.75 -13.49 -9.07
CA PHE A 560 9.29 -12.30 -8.33
C PHE A 560 9.81 -12.36 -6.88
N GLU A 561 9.66 -13.49 -6.20
CA GLU A 561 10.26 -13.71 -4.86
C GLU A 561 11.80 -13.62 -4.96
N ASP A 562 12.39 -14.12 -6.03
CA ASP A 562 13.85 -14.01 -6.25
C ASP A 562 14.23 -12.52 -6.26
N TYR A 563 13.49 -11.68 -6.96
CA TYR A 563 13.85 -10.25 -7.10
C TYR A 563 13.71 -9.52 -5.77
N ALA A 564 12.77 -9.93 -4.93
CA ALA A 564 12.59 -9.34 -3.58
C ALA A 564 13.58 -9.95 -2.59
N THR A 565 14.36 -10.98 -2.95
CA THR A 565 15.30 -11.67 -2.02
C THR A 565 16.76 -11.38 -2.43
N LYS A 566 17.15 -11.73 -3.64
CA LYS A 566 18.54 -11.55 -4.14
C LYS A 566 18.66 -10.24 -4.90
N GLY A 567 17.69 -9.94 -5.75
CA GLY A 567 17.61 -8.65 -6.48
C GLY A 567 18.42 -8.66 -7.75
N SER A 568 18.74 -9.84 -8.27
CA SER A 568 19.51 -9.96 -9.54
C SER A 568 18.79 -9.17 -10.65
N LEU A 569 19.50 -8.29 -11.36
CA LEU A 569 18.92 -7.45 -12.42
C LEU A 569 18.28 -8.31 -13.51
N ILE A 570 18.85 -9.47 -13.83
CA ILE A 570 18.35 -10.38 -14.88
C ILE A 570 16.87 -10.71 -14.64
N LEU A 571 16.43 -10.77 -13.39
CA LEU A 571 15.04 -11.17 -13.05
C LEU A 571 14.08 -10.12 -13.61
N LYS A 572 14.35 -8.85 -13.33
CA LYS A 572 13.59 -7.72 -13.91
C LYS A 572 13.67 -7.75 -15.45
N GLU A 573 14.86 -7.93 -16.03
CA GLU A 573 15.04 -7.90 -17.50
C GLU A 573 14.19 -9.03 -18.13
N MET A 574 14.11 -10.20 -17.51
CA MET A 574 13.33 -11.33 -18.04
C MET A 574 11.85 -10.94 -18.08
N VAL A 575 11.35 -10.40 -16.97
CA VAL A 575 9.91 -10.08 -16.78
C VAL A 575 9.52 -8.93 -17.72
N LEU A 576 10.30 -7.87 -17.81
CA LEU A 576 9.92 -6.66 -18.56
C LEU A 576 10.00 -6.99 -20.06
N PHE A 577 10.90 -7.89 -20.45
CA PHE A 577 10.98 -8.40 -21.83
C PHE A 577 9.69 -9.16 -22.15
N ALA A 578 9.21 -9.99 -21.24
CA ALA A 578 8.02 -10.82 -21.51
C ALA A 578 6.80 -9.89 -21.60
N LEU A 579 6.71 -8.90 -20.73
CA LEU A 579 5.55 -7.96 -20.67
C LEU A 579 5.55 -7.11 -21.94
N ARG A 580 6.69 -6.52 -22.31
CA ARG A 580 6.82 -5.71 -23.56
C ARG A 580 6.46 -6.54 -24.79
N ARG A 581 6.80 -7.81 -24.81
CA ARG A 581 6.45 -8.71 -25.92
C ARG A 581 4.93 -8.92 -25.94
N LEU A 582 4.31 -9.14 -24.78
CA LEU A 582 2.87 -9.40 -24.68
C LEU A 582 2.12 -8.14 -25.10
N LEU A 583 2.58 -6.97 -24.70
CA LEU A 583 1.87 -5.70 -25.00
C LEU A 583 2.15 -5.26 -26.44
N GLY A 584 3.31 -5.59 -26.99
CA GLY A 584 3.76 -5.22 -28.36
C GLY A 584 3.45 -3.78 -28.68
N GLU A 585 2.73 -3.53 -29.79
CA GLU A 585 2.44 -2.18 -30.35
C GLU A 585 1.37 -1.45 -29.51
N GLN A 586 0.61 -2.17 -28.70
CA GLN A 586 -0.49 -1.61 -27.87
C GLN A 586 0.06 -0.93 -26.60
N ILE A 587 1.36 -1.00 -26.30
CA ILE A 587 1.86 -0.40 -25.03
C ILE A 587 1.48 1.08 -25.04
N THR A 588 0.84 1.54 -23.96
CA THR A 588 0.25 2.89 -23.79
C THR A 588 1.33 3.93 -23.52
N LEU A 589 2.47 3.52 -22.96
CA LEU A 589 3.54 4.49 -22.54
C LEU A 589 4.92 3.86 -22.76
N LYS A 590 5.84 4.66 -23.29
CA LYS A 590 7.29 4.40 -23.32
C LYS A 590 7.98 5.69 -22.90
N THR A 591 9.13 5.61 -22.27
CA THR A 591 9.79 6.79 -21.68
C THR A 591 11.27 6.48 -21.46
N THR A 592 12.09 7.52 -21.33
CA THR A 592 13.52 7.37 -20.97
C THR A 592 13.67 7.68 -19.49
N LEU A 593 12.57 7.89 -18.77
CA LEU A 593 12.65 8.07 -17.31
C LEU A 593 13.40 6.86 -16.77
N PRO A 594 14.53 7.06 -16.05
CA PRO A 594 15.34 5.92 -15.64
C PRO A 594 14.69 5.08 -14.52
N ALA A 595 15.37 4.03 -14.08
CA ALA A 595 14.80 2.91 -13.30
C ALA A 595 14.21 3.39 -11.97
N GLN A 596 14.90 4.28 -11.26
CA GLN A 596 14.43 4.66 -9.90
C GLN A 596 13.20 5.55 -10.02
N GLY A 597 12.86 6.03 -11.23
CA GLY A 597 11.75 6.98 -11.45
C GLY A 597 10.41 6.27 -11.40
N VAL A 598 9.34 7.04 -11.22
CA VAL A 598 7.94 6.51 -11.25
C VAL A 598 7.13 7.34 -12.26
N THR A 599 6.28 6.67 -13.03
CA THR A 599 5.30 7.35 -13.91
C THR A 599 3.92 6.72 -13.71
N THR A 600 2.89 7.54 -13.84
CA THR A 600 1.47 7.13 -13.97
C THR A 600 0.84 7.94 -15.09
N LEU A 601 -0.22 7.40 -15.69
CA LEU A 601 -1.09 8.14 -16.64
C LEU A 601 -2.52 8.12 -16.10
N GLN A 602 -2.95 9.26 -15.58
CA GLN A 602 -4.28 9.50 -14.99
C GLN A 602 -5.15 10.28 -16.00
N HIS A 603 -6.44 9.99 -15.97
CA HIS A 603 -7.49 10.52 -16.88
C HIS A 603 -8.46 11.37 -16.05
N GLN A 604 -8.55 12.67 -16.33
CA GLN A 604 -9.68 13.53 -15.89
C GLN A 604 -10.66 13.65 -17.08
N ALA A 605 -11.67 12.78 -17.14
CA ALA A 605 -12.66 12.70 -18.24
C ALA A 605 -13.39 14.05 -18.39
N ALA A 606 -14.01 14.53 -17.32
CA ALA A 606 -14.70 15.84 -17.24
C ALA A 606 -13.87 16.92 -17.95
N GLU A 607 -12.55 16.90 -17.81
CA GLU A 607 -11.69 18.03 -18.25
C GLU A 607 -11.06 17.68 -19.59
N ARG A 608 -11.44 16.55 -20.17
CA ARG A 608 -11.00 16.06 -21.51
C ARG A 608 -9.48 16.16 -21.63
N ARG A 609 -8.77 15.74 -20.56
CA ARG A 609 -7.29 15.66 -20.54
C ARG A 609 -6.78 14.44 -19.79
N TYR A 610 -5.58 14.00 -20.17
CA TYR A 610 -4.73 13.02 -19.46
C TYR A 610 -3.64 13.77 -18.69
N ILE A 611 -3.24 13.24 -17.52
CA ILE A 611 -2.06 13.73 -16.75
C ILE A 611 -1.05 12.58 -16.63
N ASN A 612 0.04 12.71 -17.37
CA ASN A 612 1.31 11.94 -17.21
C ASN A 612 2.07 12.49 -16.01
N HIS A 613 2.19 11.69 -14.94
CA HIS A 613 2.99 11.99 -13.72
C HIS A 613 4.36 11.36 -13.88
N LEU A 614 5.41 12.16 -13.74
CA LEU A 614 6.82 11.71 -13.83
C LEU A 614 7.48 12.10 -12.50
N LEU A 615 8.10 11.14 -11.81
CA LEU A 615 8.81 11.40 -10.53
C LEU A 615 10.20 10.78 -10.61
N TYR A 616 11.20 11.43 -10.01
CA TYR A 616 12.53 10.83 -9.73
C TYR A 616 13.02 11.24 -8.34
N ALA A 617 12.96 10.29 -7.41
CA ALA A 617 13.74 10.33 -6.15
C ALA A 617 14.27 8.94 -5.84
N SER A 618 15.38 8.90 -5.10
CA SER A 618 16.14 7.66 -4.88
C SER A 618 16.43 7.53 -3.40
N PRO A 619 15.59 6.86 -2.60
CA PRO A 619 15.87 6.76 -1.19
C PRO A 619 17.21 6.04 -1.00
N VAL A 620 17.93 6.39 0.04
CA VAL A 620 19.31 5.96 0.25
C VAL A 620 19.41 5.47 1.71
N LYS A 621 20.08 4.35 1.93
CA LYS A 621 20.13 3.73 3.25
C LYS A 621 21.00 4.57 4.19
N ARG A 622 20.48 5.00 5.33
CA ARG A 622 21.27 5.66 6.42
C ARG A 622 20.97 4.91 7.73
N GLY A 623 21.59 5.30 8.84
CA GLY A 623 21.60 4.48 10.07
C GLY A 623 21.89 3.01 9.77
N GLU A 624 21.26 2.09 10.50
CA GLU A 624 21.34 0.64 10.21
C GLU A 624 20.56 0.29 8.94
N ARG A 625 19.34 0.80 8.72
CA ARG A 625 18.55 0.30 7.57
C ARG A 625 17.47 1.29 7.09
N VAL A 626 17.27 2.42 7.75
CA VAL A 626 16.23 3.42 7.35
C VAL A 626 16.61 3.97 5.96
N GLU A 627 15.70 3.98 5.00
CA GLU A 627 15.95 4.53 3.64
C GLU A 627 15.32 5.93 3.57
N ILE A 628 16.15 6.94 3.37
CA ILE A 628 15.77 8.38 3.55
C ILE A 628 15.98 9.14 2.23
N ILE A 629 15.43 10.34 2.15
CA ILE A 629 15.61 11.23 0.98
C ILE A 629 16.12 12.56 1.50
N GLU A 630 17.28 12.99 1.02
CA GLU A 630 17.88 14.33 1.28
C GLU A 630 18.08 15.04 -0.05
N ASP A 631 18.72 14.41 -1.02
CA ASP A 631 18.94 15.02 -2.35
C ASP A 631 17.66 14.96 -3.17
N MET A 632 17.52 15.90 -4.10
CA MET A 632 16.48 15.87 -5.16
C MET A 632 17.14 16.36 -6.45
N ILE A 633 17.49 15.43 -7.33
CA ILE A 633 18.37 15.65 -8.50
C ILE A 633 17.48 15.92 -9.69
N PRO A 634 17.61 17.09 -10.34
CA PRO A 634 16.93 17.33 -11.61
C PRO A 634 17.27 16.31 -12.71
N LEU A 635 16.28 15.86 -13.48
CA LEU A 635 16.49 15.16 -14.78
C LEU A 635 16.19 16.13 -15.93
N GLN A 636 16.79 15.91 -17.12
CA GLN A 636 16.70 16.79 -18.31
C GLN A 636 16.25 15.94 -19.50
N GLN A 637 15.39 16.50 -20.35
CA GLN A 637 15.07 15.88 -21.65
C GLN A 637 14.53 14.46 -21.42
N VAL A 638 13.50 14.36 -20.59
CA VAL A 638 12.76 13.10 -20.36
C VAL A 638 11.76 12.94 -21.50
N GLU A 639 11.90 11.88 -22.29
CA GLU A 639 11.08 11.63 -23.50
C GLU A 639 9.96 10.67 -23.12
N VAL A 640 8.74 10.99 -23.54
CA VAL A 640 7.54 10.13 -23.37
C VAL A 640 6.89 9.95 -24.75
N GLN A 641 6.44 8.75 -25.04
CA GLN A 641 5.51 8.44 -26.15
C GLN A 641 4.25 7.80 -25.56
N LEU A 642 3.10 8.47 -25.69
CA LEU A 642 1.80 7.96 -25.22
C LEU A 642 1.02 7.39 -26.41
N GLN A 643 0.12 6.47 -26.13
CA GLN A 643 -0.87 5.93 -27.09
C GLN A 643 -2.22 5.95 -26.38
N LEU A 644 -2.92 7.07 -26.50
CA LEU A 644 -4.22 7.40 -25.85
C LEU A 644 -5.37 6.92 -26.74
N PRO A 645 -6.50 6.42 -26.20
CA PRO A 645 -7.64 6.03 -27.03
C PRO A 645 -8.49 7.28 -27.29
N VAL A 646 -7.93 8.25 -27.99
CA VAL A 646 -8.61 9.49 -28.42
C VAL A 646 -8.24 9.76 -29.89
N THR A 647 -8.98 10.65 -30.52
CA THR A 647 -8.97 10.91 -31.98
C THR A 647 -7.92 11.99 -32.28
N ASP A 648 -7.93 13.06 -31.49
CA ASP A 648 -7.22 14.31 -31.83
C ASP A 648 -6.70 14.94 -30.54
N VAL A 649 -5.37 15.06 -30.42
CA VAL A 649 -4.67 15.72 -29.28
C VAL A 649 -4.64 17.22 -29.56
N LYS A 650 -5.30 18.04 -28.73
CA LYS A 650 -5.33 19.52 -28.88
C LYS A 650 -3.95 20.08 -28.56
N ARG A 651 -3.45 19.93 -27.32
CA ARG A 651 -2.17 20.53 -26.85
C ARG A 651 -1.52 19.70 -25.71
N VAL A 652 -0.33 20.12 -25.28
CA VAL A 652 0.48 19.44 -24.25
C VAL A 652 1.17 20.52 -23.41
N TYR A 653 1.01 20.49 -22.08
CA TYR A 653 1.61 21.54 -21.21
C TYR A 653 2.01 21.00 -19.82
N LEU A 654 2.98 21.70 -19.23
CA LEU A 654 3.47 21.48 -17.85
C LEU A 654 2.52 22.22 -16.90
N ALA A 655 1.91 21.49 -15.98
CA ALA A 655 1.10 22.01 -14.84
C ALA A 655 1.89 21.78 -13.55
N PRO A 656 1.91 22.74 -12.58
CA PRO A 656 1.11 23.97 -12.66
C PRO A 656 1.78 25.18 -13.30
N GLN A 657 2.87 24.99 -14.05
CA GLN A 657 3.65 26.12 -14.61
C GLN A 657 2.80 26.79 -15.71
N MET A 658 1.96 26.01 -16.41
CA MET A 658 1.13 26.45 -17.55
C MET A 658 2.09 26.84 -18.67
N THR A 659 3.03 25.96 -18.98
CA THR A 659 4.07 26.15 -20.02
C THR A 659 3.83 25.12 -21.12
N GLU A 660 3.44 25.61 -22.30
CA GLU A 660 3.27 24.77 -23.51
C GLU A 660 4.61 24.12 -23.78
N ILE A 661 4.60 22.88 -24.24
CA ILE A 661 5.83 22.21 -24.77
C ILE A 661 5.50 21.71 -26.18
N GLU A 662 6.51 21.62 -27.03
CA GLU A 662 6.38 21.10 -28.40
C GLU A 662 5.95 19.65 -28.27
N PHE A 663 5.13 19.17 -29.21
CA PHE A 663 4.78 17.75 -29.30
C PHE A 663 4.52 17.40 -30.77
N LYS A 664 4.48 16.11 -31.06
CA LYS A 664 4.08 15.59 -32.39
C LYS A 664 2.99 14.57 -32.14
N ALA A 665 1.81 14.77 -32.73
CA ALA A 665 0.64 13.89 -32.52
C ALA A 665 0.15 13.36 -33.86
N SER A 666 -0.24 12.11 -33.89
CA SER A 666 -0.97 11.47 -35.01
C SER A 666 -2.08 10.62 -34.39
N GLY A 667 -3.29 11.15 -34.39
CA GLY A 667 -4.43 10.59 -33.67
C GLY A 667 -4.22 10.71 -32.17
N GLY A 668 -4.43 9.61 -31.44
CA GLY A 668 -4.14 9.49 -29.99
C GLY A 668 -2.67 9.18 -29.69
N ASP A 669 -1.82 8.99 -30.70
CA ASP A 669 -0.36 8.72 -30.52
C ASP A 669 0.39 10.05 -30.43
N VAL A 670 1.02 10.34 -29.29
CA VAL A 670 1.71 11.64 -29.04
C VAL A 670 3.10 11.36 -28.43
N GLN A 671 4.08 12.21 -28.76
CA GLN A 671 5.46 12.18 -28.25
C GLN A 671 5.80 13.59 -27.81
N PHE A 672 6.50 13.72 -26.70
CA PHE A 672 6.95 15.02 -26.14
C PHE A 672 8.21 14.78 -25.31
N THR A 673 8.92 15.86 -25.01
CA THR A 673 10.14 15.87 -24.19
C THR A 673 9.96 16.92 -23.09
N VAL A 674 10.08 16.50 -21.84
CA VAL A 674 10.08 17.41 -20.66
C VAL A 674 11.50 17.97 -20.51
N PRO A 675 11.70 19.28 -20.75
CA PRO A 675 13.00 19.90 -20.59
C PRO A 675 13.64 19.55 -19.25
N GLN A 676 12.95 19.83 -18.15
CA GLN A 676 13.49 19.64 -16.78
C GLN A 676 12.38 19.05 -15.88
N LEU A 677 12.76 18.12 -15.03
CA LEU A 677 11.92 17.40 -14.04
C LEU A 677 12.67 17.55 -12.72
N GLU A 678 12.06 18.18 -11.74
CA GLU A 678 12.60 18.21 -10.37
C GLU A 678 11.54 17.62 -9.45
N CYS A 679 11.85 16.46 -8.87
CA CYS A 679 11.00 15.71 -7.91
C CYS A 679 9.81 15.10 -8.65
N HIS A 680 8.87 15.95 -9.06
CA HIS A 680 7.58 15.60 -9.71
C HIS A 680 7.28 16.64 -10.80
N GLN A 681 6.83 16.19 -11.97
CA GLN A 681 6.28 17.07 -13.03
C GLN A 681 5.04 16.40 -13.58
N MET A 682 3.93 17.15 -13.61
CA MET A 682 2.71 16.73 -14.34
C MET A 682 2.77 17.28 -15.77
N VAL A 683 2.48 16.41 -16.72
CA VAL A 683 2.35 16.78 -18.16
C VAL A 683 0.92 16.51 -18.57
N VAL A 684 0.21 17.56 -18.97
CA VAL A 684 -1.23 17.53 -19.35
C VAL A 684 -1.35 17.46 -20.88
N VAL A 685 -2.07 16.45 -21.34
CA VAL A 685 -2.41 16.22 -22.77
C VAL A 685 -3.92 16.46 -22.89
N GLU A 686 -4.31 17.60 -23.48
CA GLU A 686 -5.73 17.94 -23.81
C GLU A 686 -6.11 17.28 -25.14
N TYR A 687 -7.31 16.71 -25.23
CA TYR A 687 -7.77 16.00 -26.45
C TYR A 687 -9.15 16.51 -26.88
N ASN A 688 -9.57 16.04 -28.07
CA ASN A 688 -10.96 15.90 -28.57
C ASN A 688 -11.22 14.40 -28.77
N GLU A 689 -12.35 13.89 -28.27
CA GLU A 689 -12.58 12.44 -28.06
C GLU A 689 -12.48 11.70 -29.41
TA1 TBR B . -17.40 -27.97 22.48
TA2 TBR B . -15.02 -29.20 23.69
TA3 TBR B . -17.63 -29.46 25.00
TA4 TBR B . -16.38 -31.79 23.73
TA5 TBR B . -18.75 -30.57 22.52
TA6 TBR B . -16.14 -30.30 21.19
BR1 TBR B . -15.22 -26.65 23.12
BR2 TBR B . -18.46 -26.99 24.65
BR3 TBR B . -19.83 -28.38 21.62
BR4 TBR B . -16.63 -28.06 19.96
BR5 TBR B . -15.46 -28.51 26.16
BR6 TBR B . -20.12 -30.20 24.68
BR7 TBR B . -18.58 -33.10 23.15
BR8 TBR B . -15.37 -32.80 21.55
BR9 TBR B . -13.98 -31.41 24.64
BRA TBR B . -17.14 -31.71 26.23
BRB TBR B . -18.30 -31.26 20.03
BRC TBR B . -13.66 -29.55 21.51
ZN ZN C . -11.56 -11.96 23.64
C1 GOL D . -14.16 -3.15 -10.60
O1 GOL D . -13.11 -3.89 -11.23
C2 GOL D . -14.19 -3.37 -9.10
O2 GOL D . -12.94 -2.98 -8.53
C3 GOL D . -15.34 -2.65 -8.41
O3 GOL D . -14.90 -1.62 -7.52
C1 GOL E . -2.06 6.65 13.52
O1 GOL E . -2.69 5.39 13.69
C2 GOL E . -1.52 7.19 14.83
O2 GOL E . -2.58 7.83 15.52
C3 GOL E . -0.88 6.17 15.75
O3 GOL E . -0.13 6.81 16.79
C1 GOL F . 0.49 1.21 13.65
O1 GOL F . 0.33 2.53 14.21
C2 GOL F . -0.78 0.39 13.77
O2 GOL F . -1.75 0.81 12.83
C3 GOL F . -0.51 -1.09 13.62
O3 GOL F . 0.02 -1.42 12.34
S SO4 G . 3.84 2.27 15.67
O1 SO4 G . 4.77 2.54 16.74
O2 SO4 G . 2.54 2.83 16.02
O3 SO4 G . 4.35 2.87 14.44
O4 SO4 G . 3.72 0.85 15.49
#